data_6RXC
#
_entry.id   6RXC
#
_cell.length_a   95.267
_cell.length_b   103.445
_cell.length_c   136.749
_cell.angle_alpha   90.00
_cell.angle_beta   90.00
_cell.angle_gamma   90.00
#
_symmetry.space_group_name_H-M   'P 21 21 21'
#
loop_
_entity.id
_entity.type
_entity.pdbx_description
1 polymer 'Pteridine reductase 1'
2 polymer 'Pteridine reductase 1'
3 non-polymer 'NADPH DIHYDRO-NICOTINAMIDE-ADENINE-DINUCLEOTIDE PHOSPHATE'
4 non-polymer 'methyl 1-[4-[[2,4-bis(azanyl)pteridin-6-yl]methyl-(3-oxidanylpropyl)amino]phenyl]carbonylpiperidine-4-carboxylate'
5 water water
#
loop_
_entity_poly.entity_id
_entity_poly.type
_entity_poly.pdbx_seq_one_letter_code
_entity_poly.pdbx_strand_id
1 'polypeptide(L)'
;GSHMTAPTVPVALVTGAAKRLGRSIAEGLHAEGYAVCLHYHRSAAEANALSATLNARRPNSAITVQADLSNVATAPVSGA
DGSAPVTLFTRCAELVAACYTHWGRCDVLVNNASSFYPTPLLRNDEDGHEPCVGDREAMETATADLFGSNAIAPYFLIKA
FAHRVAGTPAKHRGTNYSIINMVDAMTNQPLLGYTIYTMAKGALEGLTRSAALELAPLQIRVNGVGPGLSVLVDDMPPAV
WEGHRSKVPLYQRDSSAAEVSDVVIFLCSSKAKYITGTCVKVDGGYSLTRA
;
A,C
2 'polypeptide(L)'
;GSHMTAPTVPVALVTGAAKRLGRSIAEGLHAEGYAVCLHYHRSAAEANALSATLNARRPNSAITVQADLSNVATAPVSGA
DGSAPVTLFTRCAELVAACYTHWGRCDVLVNNASSFYPTPLLRNDEDGHEPCVGDREAMETATADLFGSNAIAPYFLIKA
FAHRVAGTPAKHRGTNYSIINMVDAMTNQPLLGYTIYTMAKGALEGLTRSAALELAPLQIRVNGVGPGLSVLVDDMPPAV
WEGHRSKVPLYQRDSSAAEVSDVVIFLCSSKAKYITGT(CSX)VKVDGGYSLTRA
;
B,D
#
loop_
_chem_comp.id
_chem_comp.type
_chem_comp.name
_chem_comp.formula
KMK non-polymer 'methyl 1-[4-[[2,4-bis(azanyl)pteridin-6-yl]methyl-(3-oxidanylpropyl)amino]phenyl]carbonylpiperidine-4-carboxylate' 'C24 H30 N8 O4'
NDP non-polymer 'NADPH DIHYDRO-NICOTINAMIDE-ADENINE-DINUCLEOTIDE PHOSPHATE' 'C21 H30 N7 O17 P3'
#
# COMPACT_ATOMS: atom_id res chain seq x y z
N THR A 8 0.60 -36.97 -17.04
CA THR A 8 -0.56 -36.09 -17.34
C THR A 8 -1.21 -35.65 -16.02
N VAL A 9 -0.57 -36.00 -14.91
CA VAL A 9 -1.00 -35.54 -13.61
C VAL A 9 -0.14 -34.33 -13.21
N PRO A 10 -0.75 -33.20 -12.79
CA PRO A 10 0.07 -32.06 -12.38
C PRO A 10 0.85 -32.33 -11.08
N VAL A 11 2.01 -31.64 -10.99
CA VAL A 11 2.97 -31.75 -9.89
C VAL A 11 3.10 -30.42 -9.16
N ALA A 12 2.95 -30.47 -7.82
CA ALA A 12 3.23 -29.38 -6.90
C ALA A 12 4.48 -29.65 -6.08
N LEU A 13 5.38 -28.68 -5.96
CA LEU A 13 6.45 -28.72 -4.94
C LEU A 13 6.07 -27.75 -3.80
N VAL A 14 5.89 -28.26 -2.59
CA VAL A 14 5.55 -27.46 -1.41
C VAL A 14 6.74 -27.50 -0.43
N THR A 15 7.24 -26.34 -0.01
CA THR A 15 8.39 -26.35 0.89
C THR A 15 7.92 -26.32 2.35
N GLY A 16 8.70 -26.89 3.29
CA GLY A 16 8.15 -27.06 4.64
C GLY A 16 6.73 -27.67 4.64
N ALA A 17 6.51 -28.81 3.96
CA ALA A 17 5.21 -29.48 3.84
C ALA A 17 4.90 -30.40 5.04
N ALA A 18 5.82 -30.57 6.01
CA ALA A 18 5.65 -31.71 6.87
C ALA A 18 4.47 -31.49 7.82
N LYS A 19 4.24 -30.21 8.18
CA LYS A 19 3.39 -29.88 9.31
C LYS A 19 2.55 -28.64 9.00
N ARG A 20 1.59 -28.38 9.89
CA ARG A 20 0.91 -27.09 9.96
C ARG A 20 0.36 -26.66 8.60
N LEU A 21 0.68 -25.40 8.18
CA LEU A 21 0.13 -24.84 6.94
C LEU A 21 0.66 -25.62 5.73
N GLY A 22 1.95 -25.98 5.73
CA GLY A 22 2.56 -26.58 4.53
C GLY A 22 1.97 -27.97 4.29
N ARG A 23 1.59 -28.65 5.38
CA ARG A 23 0.95 -29.97 5.23
C ARG A 23 -0.49 -29.87 4.70
N SER A 24 -1.20 -28.84 5.17
CA SER A 24 -2.57 -28.54 4.79
C SER A 24 -2.62 -28.16 3.30
N ILE A 25 -1.60 -27.44 2.84
CA ILE A 25 -1.50 -27.00 1.44
C ILE A 25 -1.22 -28.23 0.60
N ALA A 26 -0.29 -29.03 1.08
CA ALA A 26 0.05 -30.25 0.37
C ALA A 26 -1.16 -31.19 0.26
N GLU A 27 -1.98 -31.28 1.32
CA GLU A 27 -3.12 -32.19 1.35
C GLU A 27 -4.22 -31.64 0.44
N GLY A 28 -4.42 -30.32 0.47
CA GLY A 28 -5.39 -29.66 -0.42
C GLY A 28 -5.04 -29.83 -1.89
N LEU A 29 -3.77 -29.66 -2.24
CA LEU A 29 -3.39 -29.79 -3.64
C LEU A 29 -3.53 -31.26 -4.06
N HIS A 30 -3.09 -32.18 -3.17
CA HIS A 30 -3.32 -33.60 -3.36
C HIS A 30 -4.79 -33.92 -3.60
N ALA A 31 -5.68 -33.31 -2.81
CA ALA A 31 -7.13 -33.55 -2.94
C ALA A 31 -7.65 -33.09 -4.31
N GLU A 32 -6.97 -32.12 -4.93
CA GLU A 32 -7.40 -31.63 -6.24
C GLU A 32 -6.78 -32.45 -7.37
N GLY A 33 -5.92 -33.45 -7.04
CA GLY A 33 -5.36 -34.35 -8.03
C GLY A 33 -3.90 -34.08 -8.42
N TYR A 34 -3.21 -33.23 -7.62
CA TYR A 34 -1.79 -33.05 -7.76
C TYR A 34 -1.02 -34.22 -7.18
N ALA A 35 0.10 -34.59 -7.85
CA ALA A 35 1.16 -35.33 -7.22
C ALA A 35 1.98 -34.31 -6.43
N VAL A 36 2.40 -34.65 -5.22
CA VAL A 36 2.98 -33.62 -4.39
C VAL A 36 4.40 -34.01 -3.99
N CYS A 37 5.34 -33.08 -4.19
CA CYS A 37 6.70 -33.27 -3.74
C CYS A 37 6.90 -32.51 -2.43
N LEU A 38 7.07 -33.26 -1.34
CA LEU A 38 6.98 -32.68 -0.02
C LEU A 38 8.42 -32.43 0.41
N HIS A 39 8.81 -31.15 0.48
CA HIS A 39 10.10 -30.78 1.03
C HIS A 39 10.05 -30.76 2.56
N TYR A 40 11.20 -31.12 3.19
CA TYR A 40 11.38 -30.98 4.63
C TYR A 40 12.84 -30.73 4.95
N HIS A 41 13.07 -30.25 6.17
CA HIS A 41 14.42 -30.04 6.64
C HIS A 41 14.60 -30.93 7.86
N ARG A 42 13.92 -30.63 8.97
CA ARG A 42 14.20 -31.34 10.20
C ARG A 42 13.14 -32.43 10.36
N SER A 43 11.97 -32.21 9.76
CA SER A 43 10.81 -32.98 10.16
C SER A 43 10.66 -34.23 9.31
N ALA A 44 11.69 -35.08 9.31
CA ALA A 44 11.65 -36.27 8.45
C ALA A 44 10.45 -37.16 8.79
N ALA A 45 10.26 -37.44 10.08
CA ALA A 45 9.26 -38.42 10.48
C ALA A 45 7.88 -37.97 10.01
N GLU A 46 7.61 -36.69 10.17
CA GLU A 46 6.29 -36.18 9.81
C GLU A 46 6.07 -36.24 8.29
N ALA A 47 7.11 -35.90 7.51
CA ALA A 47 6.97 -35.78 6.06
C ALA A 47 6.69 -37.14 5.47
N ASN A 48 7.46 -38.13 5.98
CA ASN A 48 7.38 -39.49 5.50
C ASN A 48 6.00 -40.06 5.80
N ALA A 49 5.44 -39.76 6.96
CA ALA A 49 4.10 -40.22 7.29
C ALA A 49 3.07 -39.50 6.41
N LEU A 50 3.28 -38.20 6.18
CA LEU A 50 2.37 -37.51 5.26
C LEU A 50 2.41 -38.21 3.89
N SER A 51 3.61 -38.56 3.42
CA SER A 51 3.72 -39.09 2.06
C SER A 51 3.12 -40.50 1.96
N ALA A 52 3.23 -41.27 3.04
CA ALA A 52 2.66 -42.61 3.08
C ALA A 52 1.14 -42.51 3.02
N THR A 53 0.56 -41.53 3.75
CA THR A 53 -0.87 -41.30 3.71
C THR A 53 -1.29 -41.00 2.27
N LEU A 54 -0.55 -40.12 1.59
CA LEU A 54 -1.01 -39.70 0.27
C LEU A 54 -0.88 -40.84 -0.76
N ASN A 55 0.28 -41.50 -0.81
CA ASN A 55 0.52 -42.68 -1.65
C ASN A 55 -0.47 -43.80 -1.34
N ALA A 56 -0.86 -43.90 -0.08
CA ALA A 56 -1.87 -44.89 0.27
C ALA A 56 -3.15 -44.56 -0.48
N ARG A 57 -3.49 -43.26 -0.53
CA ARG A 57 -4.75 -42.86 -1.13
C ARG A 57 -4.66 -42.99 -2.64
N ARG A 58 -3.49 -42.64 -3.19
CA ARG A 58 -3.31 -42.61 -4.63
C ARG A 58 -1.86 -42.97 -4.87
N PRO A 59 -1.58 -44.17 -5.43
CA PRO A 59 -0.21 -44.61 -5.65
C PRO A 59 0.55 -43.51 -6.37
N ASN A 60 1.85 -43.41 -6.06
CA ASN A 60 2.82 -42.61 -6.80
C ASN A 60 2.44 -41.14 -6.81
N SER A 61 1.67 -40.69 -5.84
CA SER A 61 1.23 -39.29 -5.84
C SER A 61 2.00 -38.48 -4.80
N ALA A 62 3.06 -39.04 -4.20
CA ALA A 62 3.90 -38.16 -3.38
C ALA A 62 5.31 -38.73 -3.23
N ILE A 63 6.28 -37.81 -3.07
CA ILE A 63 7.63 -38.15 -2.64
C ILE A 63 8.05 -37.14 -1.58
N THR A 64 9.16 -37.42 -0.88
CA THR A 64 9.71 -36.50 0.11
C THR A 64 11.13 -36.14 -0.30
N VAL A 65 11.49 -34.85 -0.19
CA VAL A 65 12.85 -34.37 -0.40
C VAL A 65 13.26 -33.50 0.79
N GLN A 66 14.51 -33.74 1.26
CA GLN A 66 15.21 -32.97 2.29
C GLN A 66 16.12 -31.90 1.66
N ALA A 67 16.12 -30.69 2.25
CA ALA A 67 17.01 -29.60 1.87
C ALA A 67 16.97 -28.51 2.92
N ASP A 68 18.11 -28.09 3.48
CA ASP A 68 18.18 -26.90 4.32
C ASP A 68 18.22 -25.71 3.37
N LEU A 69 17.31 -24.75 3.50
CA LEU A 69 17.17 -23.67 2.54
C LEU A 69 17.87 -22.44 3.11
N SER A 70 18.61 -22.70 4.17
CA SER A 70 19.36 -21.67 4.86
C SER A 70 20.40 -21.22 3.87
N ASN A 71 20.72 -19.91 3.82
CA ASN A 71 21.63 -19.45 2.77
C ASN A 71 23.07 -19.79 3.12
N VAL A 72 23.42 -21.08 3.23
CA VAL A 72 24.77 -21.55 3.52
C VAL A 72 25.16 -22.59 2.50
N ALA A 73 26.45 -22.99 2.49
CA ALA A 73 26.87 -24.21 1.81
C ALA A 73 26.73 -25.43 2.74
N THR A 74 26.43 -26.60 2.16
CA THR A 74 26.26 -27.80 2.95
C THR A 74 27.25 -28.89 2.54
N ALA A 75 27.18 -30.05 3.23
CA ALA A 75 28.17 -31.12 3.08
C ALA A 75 28.57 -31.47 1.63
N PRO A 76 29.86 -31.30 1.27
CA PRO A 76 30.41 -31.87 0.04
C PRO A 76 30.08 -33.36 -0.16
N ALA A 84 34.10 -30.87 -1.85
CA ALA A 84 33.81 -29.55 -2.46
C ALA A 84 32.36 -29.20 -2.15
N PRO A 85 32.04 -27.92 -1.83
CA PRO A 85 30.83 -27.58 -1.07
C PRO A 85 29.58 -27.23 -1.91
N VAL A 86 28.40 -27.59 -1.38
CA VAL A 86 27.13 -27.47 -2.10
C VAL A 86 26.48 -26.13 -1.72
N THR A 87 26.12 -25.32 -2.71
CA THR A 87 25.46 -24.03 -2.51
C THR A 87 23.94 -24.16 -2.29
N LEU A 88 23.30 -23.18 -1.62
CA LEU A 88 21.85 -23.08 -1.55
C LEU A 88 21.20 -23.16 -2.94
N PHE A 89 21.76 -22.46 -3.91
CA PHE A 89 21.30 -22.45 -5.29
C PHE A 89 21.14 -23.90 -5.78
N THR A 90 22.23 -24.65 -5.61
CA THR A 90 22.36 -25.98 -6.18
C THR A 90 21.29 -26.83 -5.54
N ARG A 91 21.17 -26.69 -4.20
CA ARG A 91 20.22 -27.45 -3.43
C ARG A 91 18.82 -27.07 -3.90
N CYS A 92 18.63 -25.82 -4.34
CA CYS A 92 17.29 -25.38 -4.72
C CYS A 92 16.96 -25.96 -6.08
N ALA A 93 17.96 -25.89 -6.95
CA ALA A 93 17.78 -26.41 -8.29
C ALA A 93 17.59 -27.91 -8.23
N GLU A 94 18.26 -28.58 -7.27
CA GLU A 94 18.09 -30.03 -7.11
C GLU A 94 16.68 -30.36 -6.61
N LEU A 95 16.03 -29.40 -5.97
CA LEU A 95 14.70 -29.72 -5.42
C LEU A 95 13.69 -29.78 -6.57
N VAL A 96 13.74 -28.74 -7.39
CA VAL A 96 12.96 -28.65 -8.62
C VAL A 96 13.26 -29.82 -9.54
N ALA A 97 14.52 -30.14 -9.72
CA ALA A 97 14.92 -31.28 -10.56
C ALA A 97 14.49 -32.65 -10.00
N ALA A 98 14.16 -32.71 -8.71
CA ALA A 98 13.58 -33.92 -8.13
C ALA A 98 12.17 -34.20 -8.68
N CYS A 99 11.37 -33.13 -8.92
CA CYS A 99 10.02 -33.27 -9.47
C CYS A 99 10.10 -33.80 -10.90
N TYR A 100 11.09 -33.28 -11.61
CA TYR A 100 11.26 -33.47 -13.04
C TYR A 100 11.82 -34.88 -13.26
N THR A 101 12.74 -35.30 -12.36
CA THR A 101 13.31 -36.65 -12.39
C THR A 101 12.20 -37.67 -12.15
N HIS A 102 11.35 -37.44 -11.14
CA HIS A 102 10.42 -38.47 -10.72
C HIS A 102 9.17 -38.50 -11.61
N TRP A 103 8.62 -37.31 -11.88
CA TRP A 103 7.35 -37.24 -12.57
C TRP A 103 7.46 -36.61 -13.95
N GLY A 104 8.57 -35.91 -14.24
CA GLY A 104 8.73 -35.26 -15.52
C GLY A 104 8.08 -33.87 -15.60
N ARG A 105 7.64 -33.27 -14.50
CA ARG A 105 7.10 -31.92 -14.63
C ARG A 105 7.15 -31.28 -13.26
N CYS A 106 6.89 -29.96 -13.22
CA CYS A 106 6.69 -29.23 -11.97
C CYS A 106 5.83 -28.01 -12.32
N ASP A 107 4.56 -28.04 -11.88
CA ASP A 107 3.58 -27.09 -12.38
C ASP A 107 3.36 -26.02 -11.34
N VAL A 108 3.47 -26.41 -10.04
CA VAL A 108 3.16 -25.49 -8.95
C VAL A 108 4.36 -25.49 -7.99
N LEU A 109 4.68 -24.31 -7.45
CA LEU A 109 5.66 -24.23 -6.38
C LEU A 109 5.05 -23.35 -5.29
N VAL A 110 5.00 -23.89 -4.08
CA VAL A 110 4.58 -23.13 -2.92
C VAL A 110 5.79 -22.98 -1.99
N ASN A 111 6.34 -21.75 -1.98
CA ASN A 111 7.38 -21.35 -1.05
C ASN A 111 6.73 -21.07 0.29
N ASN A 112 6.59 -22.15 1.08
CA ASN A 112 5.96 -22.11 2.40
C ASN A 112 7.02 -22.13 3.49
N ALA A 113 8.15 -22.79 3.27
CA ALA A 113 9.10 -23.03 4.36
C ALA A 113 9.63 -21.70 4.90
N SER A 114 9.95 -21.65 6.20
CA SER A 114 10.19 -20.36 6.80
C SER A 114 10.66 -20.44 8.25
N SER A 115 11.80 -19.79 8.52
CA SER A 115 12.34 -19.59 9.86
C SER A 115 11.63 -18.40 10.51
N PHE A 116 11.32 -18.51 11.82
CA PHE A 116 10.68 -17.42 12.56
C PHE A 116 11.19 -17.34 14.01
N TYR A 117 11.87 -16.27 14.41
CA TYR A 117 12.37 -16.13 15.75
C TYR A 117 12.94 -14.72 15.91
N PRO A 118 13.00 -14.15 17.13
CA PRO A 118 13.29 -12.73 17.32
C PRO A 118 14.72 -12.40 16.93
N THR A 119 14.95 -11.20 16.39
CA THR A 119 16.31 -10.68 16.26
C THR A 119 16.30 -9.20 16.69
N PRO A 120 16.18 -8.94 18.01
CA PRO A 120 15.98 -7.60 18.54
C PRO A 120 17.18 -6.72 18.25
N LEU A 121 16.92 -5.45 17.93
CA LEU A 121 17.95 -4.50 17.59
C LEU A 121 18.71 -4.11 18.84
N LEU A 122 18.06 -4.29 20.01
CA LEU A 122 18.65 -3.84 21.25
C LEU A 122 18.78 -5.00 22.24
N ARG A 123 20.04 -5.47 22.36
CA ARG A 123 20.52 -6.47 23.30
C ARG A 123 21.76 -5.89 24.01
N ASN A 124 22.90 -6.60 23.93
CA ASN A 124 24.14 -6.27 24.61
C ASN A 124 23.90 -5.45 25.89
N ARG A 136 27.14 -15.13 18.40
CA ARG A 136 27.95 -14.39 17.38
C ARG A 136 27.99 -15.11 16.00
N GLU A 137 28.40 -16.39 15.99
CA GLU A 137 28.15 -17.29 14.86
C GLU A 137 26.63 -17.49 14.67
N ALA A 138 25.88 -17.18 15.73
CA ALA A 138 24.43 -17.34 15.74
C ALA A 138 23.78 -16.04 15.32
N MET A 139 24.59 -15.04 14.95
CA MET A 139 24.07 -13.87 14.27
C MET A 139 24.17 -14.14 12.78
N GLU A 140 25.21 -14.88 12.39
CA GLU A 140 25.51 -15.02 10.98
C GLU A 140 24.63 -16.12 10.44
N THR A 141 24.28 -17.09 11.31
CA THR A 141 23.51 -18.19 10.79
C THR A 141 22.03 -17.86 10.93
N ALA A 142 21.71 -16.87 11.78
CA ALA A 142 20.35 -16.35 11.86
C ALA A 142 19.95 -15.56 10.60
N THR A 143 20.81 -14.62 10.18
CA THR A 143 20.49 -13.96 8.92
C THR A 143 20.44 -14.95 7.78
N ALA A 144 21.39 -15.88 7.74
CA ALA A 144 21.39 -16.90 6.69
C ALA A 144 20.09 -17.70 6.75
N ASP A 145 19.71 -18.17 7.93
CA ASP A 145 18.49 -18.97 8.10
C ASP A 145 17.26 -18.08 7.90
N LEU A 146 17.16 -16.94 8.57
CA LEU A 146 15.88 -16.25 8.40
C LEU A 146 15.83 -15.66 7.00
N PHE A 147 16.95 -15.10 6.48
CA PHE A 147 16.90 -14.67 5.09
C PHE A 147 16.84 -15.81 4.06
N GLY A 148 17.63 -16.85 4.20
CA GLY A 148 17.50 -17.91 3.20
C GLY A 148 16.08 -18.49 3.07
N SER A 149 15.50 -18.91 4.19
CA SER A 149 14.29 -19.72 4.13
C SER A 149 13.14 -18.90 3.57
N ASN A 150 13.17 -17.59 3.86
CA ASN A 150 12.06 -16.71 3.60
C ASN A 150 12.21 -16.00 2.25
N ALA A 151 13.44 -15.86 1.75
CA ALA A 151 13.58 -14.95 0.61
C ALA A 151 14.53 -15.46 -0.45
N ILE A 152 15.76 -15.84 -0.03
CA ILE A 152 16.70 -16.14 -1.11
C ILE A 152 16.42 -17.52 -1.67
N ALA A 153 16.06 -18.47 -0.76
CA ALA A 153 15.69 -19.76 -1.34
C ALA A 153 14.41 -19.62 -2.20
N PRO A 154 13.35 -18.87 -1.78
CA PRO A 154 12.29 -18.53 -2.76
C PRO A 154 12.81 -18.05 -4.13
N TYR A 155 13.81 -17.15 -4.14
CA TYR A 155 14.33 -16.60 -5.37
C TYR A 155 14.86 -17.73 -6.23
N PHE A 156 15.75 -18.58 -5.62
CA PHE A 156 16.50 -19.55 -6.40
C PHE A 156 15.55 -20.65 -6.88
N LEU A 157 14.59 -21.03 -6.02
CA LEU A 157 13.66 -22.06 -6.44
C LEU A 157 12.82 -21.52 -7.57
N ILE A 158 12.43 -20.24 -7.48
CA ILE A 158 11.66 -19.64 -8.58
C ILE A 158 12.54 -19.60 -9.81
N LYS A 159 13.81 -19.21 -9.68
CA LYS A 159 14.60 -19.18 -10.92
C LYS A 159 14.79 -20.61 -11.48
N ALA A 160 15.09 -21.60 -10.60
CA ALA A 160 15.19 -22.98 -11.09
C ALA A 160 13.85 -23.44 -11.74
N PHE A 161 12.73 -23.10 -11.13
CA PHE A 161 11.43 -23.47 -11.70
C PHE A 161 11.22 -22.86 -13.09
N ALA A 162 11.56 -21.57 -13.21
CA ALA A 162 11.44 -20.80 -14.45
C ALA A 162 12.27 -21.43 -15.56
N HIS A 163 13.49 -21.81 -15.19
CA HIS A 163 14.49 -22.39 -16.08
C HIS A 163 13.97 -23.65 -16.74
N ARG A 164 13.40 -24.57 -15.92
CA ARG A 164 12.71 -25.78 -16.39
C ARG A 164 11.59 -25.50 -17.41
N VAL A 165 10.69 -24.55 -17.14
CA VAL A 165 9.60 -24.25 -18.09
C VAL A 165 10.19 -23.71 -19.39
N ALA A 166 11.04 -22.69 -19.25
CA ALA A 166 11.66 -22.06 -20.39
C ALA A 166 12.38 -23.12 -21.23
N GLY A 167 12.88 -24.18 -20.54
CA GLY A 167 13.61 -25.28 -21.16
C GLY A 167 12.68 -26.17 -22.00
N THR A 168 11.42 -26.33 -21.56
CA THR A 168 10.43 -27.17 -22.20
C THR A 168 9.94 -26.56 -23.51
N PRO A 169 9.98 -27.28 -24.66
CA PRO A 169 9.28 -26.83 -25.88
C PRO A 169 7.81 -26.59 -25.51
N ALA A 170 7.33 -25.41 -25.92
CA ALA A 170 6.01 -24.82 -25.77
C ALA A 170 4.91 -25.83 -26.08
N LYS A 171 5.16 -26.71 -27.06
CA LYS A 171 4.32 -27.89 -27.31
C LYS A 171 4.21 -28.83 -26.09
N HIS A 172 5.24 -28.93 -25.22
CA HIS A 172 5.12 -29.82 -24.07
C HIS A 172 4.91 -29.07 -22.73
N ARG A 173 4.54 -27.79 -22.75
CA ARG A 173 4.48 -27.07 -21.48
C ARG A 173 3.15 -27.34 -20.79
N GLY A 174 3.14 -27.33 -19.43
CA GLY A 174 1.90 -27.35 -18.66
C GLY A 174 1.06 -26.12 -19.03
N THR A 175 -0.23 -26.17 -18.69
CA THR A 175 -1.16 -25.11 -19.07
C THR A 175 -1.61 -24.28 -17.85
N ASN A 176 -1.06 -24.52 -16.65
CA ASN A 176 -1.50 -23.81 -15.46
C ASN A 176 -0.32 -23.75 -14.47
N TYR A 177 0.69 -22.90 -14.76
CA TYR A 177 1.84 -22.79 -13.87
C TYR A 177 1.57 -21.70 -12.82
N SER A 178 1.92 -22.04 -11.57
CA SER A 178 1.47 -21.13 -10.54
C SER A 178 2.46 -21.19 -9.40
N ILE A 179 3.02 -20.05 -9.02
CA ILE A 179 3.89 -19.99 -7.87
C ILE A 179 3.22 -19.16 -6.78
N ILE A 180 3.25 -19.70 -5.55
CA ILE A 180 2.62 -18.99 -4.44
C ILE A 180 3.71 -18.76 -3.42
N ASN A 181 3.78 -17.53 -2.93
CA ASN A 181 4.75 -17.25 -1.88
C ASN A 181 4.00 -16.95 -0.58
N MET A 182 4.34 -17.66 0.45
CA MET A 182 3.63 -17.44 1.71
C MET A 182 4.22 -16.22 2.42
N VAL A 183 3.48 -15.10 2.37
CA VAL A 183 3.95 -13.86 3.00
C VAL A 183 3.22 -13.66 4.35
N ASP A 184 3.23 -12.43 4.88
CA ASP A 184 2.74 -12.14 6.21
C ASP A 184 1.82 -10.92 6.17
N ALA A 185 0.51 -11.15 6.40
CA ALA A 185 -0.44 -10.06 6.46
C ALA A 185 -0.04 -8.91 7.41
N MET A 186 0.75 -9.22 8.48
CA MET A 186 0.96 -8.27 9.57
C MET A 186 2.34 -7.57 9.48
N THR A 187 3.01 -7.64 8.32
CA THR A 187 4.36 -7.09 8.21
C THR A 187 4.42 -5.56 8.16
N ASN A 188 3.32 -4.91 7.80
CA ASN A 188 3.32 -3.46 7.83
C ASN A 188 3.07 -2.97 9.25
N GLN A 189 2.73 -3.91 10.14
CA GLN A 189 2.51 -3.61 11.53
C GLN A 189 3.45 -4.52 12.32
N PRO A 190 4.79 -4.30 12.24
CA PRO A 190 5.76 -5.34 12.55
C PRO A 190 5.67 -5.78 14.00
N LEU A 191 5.99 -7.06 14.18
CA LEU A 191 6.06 -7.66 15.48
C LEU A 191 7.35 -7.18 16.13
N LEU A 192 7.31 -6.76 17.39
CA LEU A 192 8.45 -6.17 18.09
C LEU A 192 9.55 -7.24 18.24
N GLY A 193 10.77 -6.93 17.79
CA GLY A 193 11.96 -7.76 17.96
C GLY A 193 12.28 -8.68 16.77
N TYR A 194 11.42 -8.67 15.73
CA TYR A 194 11.51 -9.68 14.69
C TYR A 194 11.94 -9.09 13.35
N THR A 195 12.98 -8.22 13.35
CA THR A 195 13.34 -7.32 12.27
C THR A 195 13.81 -8.10 11.05
N ILE A 196 14.68 -9.11 11.25
CA ILE A 196 15.18 -9.83 10.09
C ILE A 196 14.04 -10.58 9.42
N TYR A 197 13.22 -11.22 10.27
CA TYR A 197 12.08 -11.92 9.74
C TYR A 197 11.17 -10.91 9.04
N THR A 198 10.95 -9.73 9.64
CA THR A 198 10.01 -8.82 8.97
C THR A 198 10.61 -8.42 7.62
N MET A 199 11.94 -8.28 7.55
CA MET A 199 12.67 -7.85 6.35
C MET A 199 12.57 -8.90 5.25
N ALA A 200 12.77 -10.15 5.66
CA ALA A 200 12.83 -11.24 4.69
C ALA A 200 11.42 -11.40 4.05
N LYS A 201 10.35 -11.25 4.85
CA LYS A 201 8.99 -11.25 4.31
C LYS A 201 8.79 -10.05 3.38
N GLY A 202 9.48 -8.95 3.69
CA GLY A 202 9.26 -7.82 2.79
C GLY A 202 9.97 -8.03 1.48
N ALA A 203 11.16 -8.64 1.54
CA ALA A 203 11.85 -9.24 0.40
C ALA A 203 10.94 -10.18 -0.43
N LEU A 204 10.25 -11.11 0.26
CA LEU A 204 9.43 -12.11 -0.43
C LEU A 204 8.31 -11.42 -1.21
N GLU A 205 7.82 -10.31 -0.68
CA GLU A 205 6.79 -9.55 -1.39
C GLU A 205 7.37 -8.95 -2.68
N GLY A 206 8.65 -8.52 -2.68
CA GLY A 206 9.18 -7.92 -3.89
C GLY A 206 9.47 -8.99 -4.93
N LEU A 207 9.98 -10.17 -4.48
CA LEU A 207 10.16 -11.26 -5.41
C LEU A 207 8.79 -11.60 -6.05
N THR A 208 7.75 -11.80 -5.23
CA THR A 208 6.39 -11.99 -5.79
C THR A 208 6.11 -10.99 -6.91
N ARG A 209 6.34 -9.68 -6.68
CA ARG A 209 5.97 -8.73 -7.74
C ARG A 209 6.91 -8.80 -8.94
N SER A 210 8.23 -8.91 -8.65
CA SER A 210 9.28 -8.88 -9.68
C SER A 210 9.14 -10.15 -10.52
N ALA A 211 9.01 -11.32 -9.84
CA ALA A 211 8.80 -12.56 -10.64
C ALA A 211 7.49 -12.54 -11.45
N ALA A 212 6.37 -12.08 -10.86
CA ALA A 212 5.13 -11.99 -11.64
C ALA A 212 5.37 -11.28 -12.98
N LEU A 213 6.10 -10.17 -12.93
CA LEU A 213 6.30 -9.37 -14.12
C LEU A 213 7.13 -10.14 -15.13
N GLU A 214 8.30 -10.62 -14.72
CA GLU A 214 9.25 -11.17 -15.67
C GLU A 214 8.81 -12.55 -16.17
N LEU A 215 8.03 -13.30 -15.37
CA LEU A 215 7.62 -14.62 -15.83
C LEU A 215 6.21 -14.64 -16.46
N ALA A 216 5.51 -13.50 -16.48
CA ALA A 216 4.28 -13.42 -17.24
C ALA A 216 4.44 -13.92 -18.70
N PRO A 217 5.55 -13.72 -19.42
CA PRO A 217 5.60 -14.22 -20.80
C PRO A 217 5.54 -15.73 -20.93
N LEU A 218 5.97 -16.47 -19.89
CA LEU A 218 5.78 -17.90 -19.86
C LEU A 218 4.49 -18.33 -19.14
N GLN A 219 3.58 -17.39 -18.87
CA GLN A 219 2.29 -17.72 -18.24
C GLN A 219 2.54 -18.35 -16.87
N ILE A 220 3.61 -17.93 -16.20
CA ILE A 220 3.83 -18.40 -14.84
C ILE A 220 3.31 -17.28 -13.97
N ARG A 221 2.29 -17.62 -13.21
CA ARG A 221 1.62 -16.67 -12.33
C ARG A 221 2.33 -16.70 -10.98
N VAL A 222 2.47 -15.55 -10.34
CA VAL A 222 3.21 -15.53 -9.08
C VAL A 222 2.41 -14.66 -8.14
N ASN A 223 2.03 -15.18 -6.97
CA ASN A 223 1.17 -14.44 -6.06
C ASN A 223 1.61 -14.79 -4.65
N GLY A 224 1.03 -14.08 -3.68
CA GLY A 224 1.30 -14.32 -2.29
C GLY A 224 0.02 -14.58 -1.51
N VAL A 225 0.19 -15.32 -0.44
CA VAL A 225 -0.89 -15.50 0.50
C VAL A 225 -0.32 -15.08 1.82
N GLY A 226 -1.01 -14.19 2.52
CA GLY A 226 -0.45 -13.66 3.76
C GLY A 226 -1.37 -13.92 4.96
N PRO A 227 -1.09 -14.99 5.76
CA PRO A 227 -1.92 -15.28 6.95
C PRO A 227 -1.71 -14.17 7.96
N GLY A 228 -2.66 -14.04 8.89
CA GLY A 228 -2.51 -13.19 10.07
C GLY A 228 -2.03 -14.01 11.27
N LEU A 229 -2.99 -14.55 12.04
CA LEU A 229 -2.74 -15.54 13.06
C LEU A 229 -3.31 -16.87 12.54
N SER A 230 -2.45 -17.88 12.40
CA SER A 230 -2.84 -19.23 12.01
C SER A 230 -2.31 -20.29 12.98
N VAL A 231 -3.20 -21.18 13.44
CA VAL A 231 -2.82 -22.37 14.21
C VAL A 231 -1.77 -21.99 15.27
N LEU A 232 -2.18 -21.05 16.13
CA LEU A 232 -1.35 -20.47 17.18
C LEU A 232 -0.99 -21.54 18.22
N MET A 236 2.83 -20.60 24.88
CA MET A 236 2.35 -19.44 25.70
C MET A 236 1.50 -19.96 26.86
N PRO A 237 1.36 -19.21 27.99
CA PRO A 237 0.24 -19.39 28.90
C PRO A 237 -1.06 -19.26 28.10
N PRO A 238 -2.07 -20.12 28.30
CA PRO A 238 -3.21 -20.22 27.37
C PRO A 238 -4.11 -19.00 27.41
N ALA A 239 -4.01 -18.21 28.50
CA ALA A 239 -4.74 -16.96 28.66
C ALA A 239 -4.14 -15.88 27.76
N VAL A 240 -2.96 -16.21 27.20
CA VAL A 240 -2.14 -15.41 26.30
C VAL A 240 -2.27 -15.93 24.84
N TRP A 241 -2.48 -17.23 24.66
CA TRP A 241 -3.11 -17.77 23.45
C TRP A 241 -4.50 -17.14 23.28
N GLU A 242 -5.35 -17.16 24.36
CA GLU A 242 -6.73 -16.68 24.33
C GLU A 242 -6.71 -15.16 24.19
N GLY A 243 -5.64 -14.56 24.72
CA GLY A 243 -5.33 -13.14 24.60
C GLY A 243 -5.02 -12.65 23.18
N HIS A 244 -4.10 -13.31 22.50
CA HIS A 244 -3.76 -13.00 21.12
C HIS A 244 -4.98 -13.27 20.22
N ARG A 245 -5.53 -14.49 20.24
CA ARG A 245 -6.71 -14.88 19.47
C ARG A 245 -7.80 -13.79 19.49
N SER A 246 -8.09 -13.26 20.67
CA SER A 246 -9.25 -12.39 20.89
C SER A 246 -9.13 -11.05 20.15
N LYS A 247 -7.93 -10.73 19.65
CA LYS A 247 -7.65 -9.47 18.96
C LYS A 247 -8.07 -9.50 17.49
N VAL A 248 -8.30 -10.69 16.94
CA VAL A 248 -8.74 -10.80 15.56
C VAL A 248 -10.23 -10.42 15.50
N PRO A 249 -10.62 -9.41 14.69
CA PRO A 249 -12.02 -8.99 14.54
C PRO A 249 -13.03 -10.07 14.13
N LEU A 250 -12.71 -10.84 13.07
CA LEU A 250 -13.54 -11.94 12.58
C LEU A 250 -13.31 -13.19 13.48
N TYR A 251 -14.36 -13.56 14.24
CA TYR A 251 -14.40 -14.80 15.02
C TYR A 251 -13.57 -14.74 16.31
N GLN A 252 -12.79 -13.67 16.51
CA GLN A 252 -11.87 -13.59 17.63
C GLN A 252 -11.12 -14.90 17.82
N ARG A 253 -10.49 -15.36 16.75
CA ARG A 253 -9.62 -16.50 16.84
C ARG A 253 -8.63 -16.47 15.68
N ASP A 254 -7.55 -17.24 15.83
CA ASP A 254 -6.62 -17.55 14.77
C ASP A 254 -7.28 -18.50 13.78
N SER A 255 -6.67 -18.65 12.59
CA SER A 255 -7.32 -19.45 11.59
C SER A 255 -6.93 -20.91 11.78
N SER A 256 -7.75 -21.78 11.15
CA SER A 256 -7.35 -23.15 10.85
C SER A 256 -6.34 -23.15 9.70
N ALA A 257 -5.63 -24.28 9.55
CA ALA A 257 -4.69 -24.39 8.45
C ALA A 257 -5.46 -24.44 7.13
N ALA A 258 -6.58 -25.16 7.14
CA ALA A 258 -7.44 -25.19 5.95
C ALA A 258 -7.91 -23.80 5.52
N GLU A 259 -8.18 -22.89 6.48
CA GLU A 259 -8.67 -21.55 6.18
C GLU A 259 -7.62 -20.79 5.37
N VAL A 260 -6.34 -21.16 5.54
CA VAL A 260 -5.28 -20.57 4.75
C VAL A 260 -5.10 -21.33 3.44
N SER A 261 -4.99 -22.66 3.52
CA SER A 261 -4.59 -23.47 2.37
C SER A 261 -5.65 -23.48 1.31
N ASP A 262 -6.93 -23.34 1.69
CA ASP A 262 -7.95 -23.29 0.64
C ASP A 262 -7.66 -22.12 -0.32
N VAL A 263 -7.13 -21.01 0.23
CA VAL A 263 -6.91 -19.82 -0.59
C VAL A 263 -5.76 -20.12 -1.56
N VAL A 264 -4.71 -20.80 -1.05
CA VAL A 264 -3.56 -21.18 -1.85
C VAL A 264 -3.99 -22.05 -3.04
N ILE A 265 -4.76 -23.09 -2.75
CA ILE A 265 -5.32 -23.96 -3.76
C ILE A 265 -6.17 -23.14 -4.73
N PHE A 266 -7.05 -22.23 -4.23
CA PHE A 266 -7.77 -21.41 -5.22
C PHE A 266 -6.78 -20.69 -6.16
N LEU A 267 -5.75 -20.04 -5.65
CA LEU A 267 -4.90 -19.28 -6.57
C LEU A 267 -4.17 -20.16 -7.60
N CYS A 268 -3.95 -21.44 -7.26
CA CYS A 268 -3.34 -22.39 -8.18
C CYS A 268 -4.32 -22.86 -9.23
N SER A 269 -5.63 -22.62 -8.99
CA SER A 269 -6.62 -23.28 -9.83
C SER A 269 -6.77 -22.48 -11.11
N SER A 270 -7.29 -23.12 -12.15
CA SER A 270 -7.37 -22.45 -13.44
C SER A 270 -8.39 -21.31 -13.38
N LYS A 271 -9.21 -21.28 -12.35
CA LYS A 271 -10.15 -20.20 -12.14
C LYS A 271 -9.46 -18.91 -11.69
N ALA A 272 -8.22 -19.00 -11.19
CA ALA A 272 -7.45 -17.83 -10.79
C ALA A 272 -6.44 -17.39 -11.88
N LYS A 273 -6.69 -17.77 -13.12
CA LYS A 273 -5.64 -17.67 -14.11
C LYS A 273 -5.36 -16.23 -14.60
N TYR A 274 -6.17 -15.23 -14.21
CA TYR A 274 -5.84 -13.88 -14.65
C TYR A 274 -5.19 -13.14 -13.48
N ILE A 275 -5.06 -13.83 -12.31
CA ILE A 275 -4.43 -13.29 -11.11
C ILE A 275 -2.92 -13.49 -11.14
N THR A 276 -2.14 -12.39 -11.05
CA THR A 276 -0.71 -12.52 -10.84
C THR A 276 -0.21 -11.22 -10.18
N GLY A 277 0.90 -11.27 -9.44
CA GLY A 277 1.46 -10.07 -8.84
C GLY A 277 0.71 -9.58 -7.61
N THR A 278 -0.21 -10.40 -7.07
CA THR A 278 -1.01 -9.88 -6.00
C THR A 278 -0.78 -10.71 -4.77
N CYS A 279 -0.88 -10.12 -3.58
CA CYS A 279 -0.91 -10.89 -2.35
CA CYS A 279 -0.91 -10.91 -2.36
C CYS A 279 -2.31 -10.82 -1.72
N VAL A 280 -2.84 -11.98 -1.27
CA VAL A 280 -4.15 -12.08 -0.62
C VAL A 280 -3.95 -12.29 0.89
N LYS A 281 -4.48 -11.38 1.68
CA LYS A 281 -4.45 -11.48 3.13
C LYS A 281 -5.53 -12.45 3.60
N VAL A 282 -5.11 -13.33 4.51
CA VAL A 282 -6.09 -14.17 5.16
C VAL A 282 -5.94 -13.95 6.67
N ASP A 283 -6.58 -12.92 7.20
CA ASP A 283 -6.16 -12.46 8.50
C ASP A 283 -7.37 -12.21 9.39
N GLY A 284 -8.58 -12.54 8.90
CA GLY A 284 -9.79 -12.27 9.67
C GLY A 284 -9.85 -10.80 10.12
N GLY A 285 -9.24 -9.91 9.33
CA GLY A 285 -9.32 -8.48 9.66
C GLY A 285 -8.24 -8.00 10.66
N TYR A 286 -7.30 -8.89 11.00
CA TYR A 286 -6.30 -8.46 11.99
C TYR A 286 -5.57 -7.18 11.51
N SER A 287 -5.23 -7.10 10.21
CA SER A 287 -4.42 -5.99 9.73
C SER A 287 -5.16 -4.66 9.86
N LEU A 288 -6.46 -4.69 10.17
CA LEU A 288 -7.30 -3.51 10.31
C LEU A 288 -7.23 -2.90 11.70
N THR A 289 -6.48 -3.53 12.60
CA THR A 289 -6.51 -3.11 14.00
C THR A 289 -5.39 -2.11 14.27
N ARG A 290 -5.48 -1.35 15.36
CA ARG A 290 -4.48 -0.38 15.81
C ARG A 290 -4.35 -0.60 17.31
N ALA A 291 -3.26 -0.16 17.94
CA ALA A 291 -3.13 -0.42 19.38
C ALA A 291 -4.14 0.45 20.16
N THR B 8 28.96 19.27 20.69
CA THR B 8 28.28 20.57 20.33
C THR B 8 27.70 20.46 18.91
N VAL B 9 28.54 20.04 17.96
CA VAL B 9 28.18 19.92 16.55
C VAL B 9 27.67 18.49 16.31
N PRO B 10 26.41 18.31 15.83
CA PRO B 10 25.86 16.95 15.65
C PRO B 10 26.59 16.22 14.52
N VAL B 11 26.68 14.89 14.64
CA VAL B 11 27.36 14.06 13.64
C VAL B 11 26.34 13.30 12.79
N ALA B 12 26.58 13.25 11.47
CA ALA B 12 25.87 12.36 10.55
C ALA B 12 26.84 11.33 9.98
N LEU B 13 26.40 10.07 9.82
CA LEU B 13 27.11 9.07 9.05
C LEU B 13 26.34 8.80 7.77
N VAL B 14 26.97 9.02 6.60
CA VAL B 14 26.36 8.81 5.29
C VAL B 14 27.18 7.80 4.49
N THR B 15 26.50 6.70 4.09
CA THR B 15 27.05 5.59 3.34
C THR B 15 26.92 5.83 1.83
N GLY B 16 27.92 5.35 1.09
CA GLY B 16 28.04 5.73 -0.31
C GLY B 16 27.97 7.23 -0.52
N ALA B 17 28.78 8.00 0.24
CA ALA B 17 28.68 9.46 0.25
C ALA B 17 29.49 10.19 -0.85
N ALA B 18 30.18 9.43 -1.71
CA ALA B 18 31.24 10.02 -2.51
C ALA B 18 30.72 10.70 -3.79
N LYS B 19 29.59 10.25 -4.34
CA LYS B 19 29.12 10.83 -5.59
C LYS B 19 27.60 10.97 -5.53
N ARG B 20 27.05 11.59 -6.57
CA ARG B 20 25.63 11.63 -6.86
C ARG B 20 24.86 11.92 -5.56
N LEU B 21 23.79 11.13 -5.32
CA LEU B 21 22.80 11.45 -4.31
C LEU B 21 23.44 11.44 -2.92
N GLY B 22 24.32 10.48 -2.65
CA GLY B 22 24.93 10.45 -1.33
C GLY B 22 25.85 11.65 -1.06
N ARG B 23 26.44 12.20 -2.13
CA ARG B 23 27.34 13.32 -1.97
C ARG B 23 26.47 14.52 -1.60
N SER B 24 25.40 14.65 -2.39
CA SER B 24 24.43 15.67 -2.14
C SER B 24 23.81 15.57 -0.74
N ILE B 25 23.53 14.36 -0.22
CA ILE B 25 23.03 14.29 1.16
C ILE B 25 24.10 14.79 2.14
N ALA B 26 25.38 14.44 1.91
CA ALA B 26 26.48 14.77 2.82
C ALA B 26 26.70 16.27 2.89
N GLU B 27 26.55 16.93 1.74
CA GLU B 27 26.69 18.36 1.57
C GLU B 27 25.59 19.09 2.32
N GLY B 28 24.32 18.68 2.09
CA GLY B 28 23.18 19.31 2.71
C GLY B 28 23.25 19.17 4.24
N LEU B 29 23.68 18.03 4.73
CA LEU B 29 23.88 17.91 6.17
C LEU B 29 25.06 18.79 6.62
N HIS B 30 26.13 18.84 5.80
CA HIS B 30 27.28 19.68 6.06
C HIS B 30 26.86 21.14 6.14
N ALA B 31 26.04 21.56 5.15
CA ALA B 31 25.52 22.92 5.07
C ALA B 31 24.67 23.24 6.30
N GLU B 32 23.94 22.27 6.86
CA GLU B 32 23.11 22.52 8.03
C GLU B 32 23.97 22.51 9.30
N GLY B 33 25.27 22.21 9.16
CA GLY B 33 26.20 22.29 10.27
C GLY B 33 26.49 20.96 10.94
N TYR B 34 26.24 19.85 10.23
CA TYR B 34 26.69 18.58 10.77
C TYR B 34 28.15 18.39 10.37
N ALA B 35 28.92 17.85 11.32
CA ALA B 35 30.11 17.06 10.99
C ALA B 35 29.62 15.74 10.34
N VAL B 36 30.34 15.28 9.28
CA VAL B 36 29.88 14.21 8.40
C VAL B 36 30.97 13.15 8.25
N CYS B 37 30.58 11.87 8.45
CA CYS B 37 31.48 10.76 8.15
C CYS B 37 31.12 10.18 6.78
N LEU B 38 31.99 10.42 5.79
CA LEU B 38 31.71 10.03 4.41
C LEU B 38 32.17 8.60 4.15
N HIS B 39 31.22 7.67 4.16
CA HIS B 39 31.52 6.27 3.85
C HIS B 39 31.62 6.16 2.34
N TYR B 40 32.54 5.28 1.90
CA TYR B 40 32.71 4.96 0.49
C TYR B 40 33.28 3.55 0.44
N HIS B 41 33.24 2.98 -0.75
CA HIS B 41 33.78 1.65 -0.96
C HIS B 41 34.92 1.77 -1.97
N ARG B 42 34.56 2.06 -3.24
CA ARG B 42 35.56 2.07 -4.31
C ARG B 42 36.05 3.49 -4.60
N SER B 43 35.20 4.50 -4.40
CA SER B 43 35.51 5.85 -4.86
C SER B 43 36.27 6.64 -3.79
N ALA B 44 37.49 6.19 -3.45
CA ALA B 44 38.25 6.84 -2.39
C ALA B 44 38.68 8.25 -2.81
N ALA B 45 38.98 8.43 -4.11
CA ALA B 45 39.41 9.73 -4.63
C ALA B 45 38.29 10.75 -4.41
N GLU B 46 37.13 10.50 -5.04
CA GLU B 46 35.99 11.42 -4.98
C GLU B 46 35.67 11.76 -3.52
N ALA B 47 35.78 10.78 -2.64
CA ALA B 47 35.48 10.98 -1.24
C ALA B 47 36.54 11.86 -0.54
N ASN B 48 37.81 11.61 -0.86
CA ASN B 48 38.91 12.40 -0.31
C ASN B 48 38.74 13.84 -0.80
N ALA B 49 38.30 13.95 -2.07
CA ALA B 49 38.00 15.24 -2.69
C ALA B 49 36.92 15.96 -1.89
N LEU B 50 35.75 15.32 -1.77
CA LEU B 50 34.68 15.94 -1.02
C LEU B 50 35.11 16.28 0.41
N SER B 51 35.78 15.36 1.10
CA SER B 51 36.24 15.60 2.46
C SER B 51 37.00 16.94 2.50
N ALA B 52 37.95 17.06 1.58
CA ALA B 52 38.81 18.24 1.45
C ALA B 52 37.96 19.48 1.34
N THR B 53 37.05 19.48 0.37
CA THR B 53 36.17 20.62 0.17
C THR B 53 35.47 21.08 1.45
N LEU B 54 34.83 20.14 2.17
CA LEU B 54 34.03 20.53 3.34
C LEU B 54 34.94 20.79 4.54
N ASN B 55 36.11 20.13 4.57
CA ASN B 55 37.11 20.46 5.57
C ASN B 55 37.76 21.81 5.21
N ALA B 56 37.31 22.45 4.12
CA ALA B 56 37.84 23.75 3.71
C ALA B 56 36.86 24.85 4.09
N ARG B 57 35.58 24.64 3.75
CA ARG B 57 34.47 25.39 4.32
C ARG B 57 34.48 25.37 5.85
N ARG B 58 35.02 24.31 6.45
CA ARG B 58 34.96 24.23 7.90
C ARG B 58 35.91 23.16 8.40
N PRO B 59 36.96 23.55 9.16
CA PRO B 59 37.88 22.58 9.76
C PRO B 59 37.20 21.52 10.63
N ASN B 60 37.77 20.31 10.55
CA ASN B 60 37.45 19.11 11.30
C ASN B 60 35.95 18.82 11.28
N SER B 61 35.34 19.04 10.10
CA SER B 61 33.91 18.82 9.91
C SER B 61 33.63 17.64 8.97
N ALA B 62 34.65 17.02 8.39
CA ALA B 62 34.43 15.87 7.50
C ALA B 62 35.55 14.84 7.72
N ILE B 63 35.20 13.54 7.69
CA ILE B 63 36.16 12.44 7.65
C ILE B 63 35.70 11.49 6.55
N THR B 64 36.52 10.50 6.21
CA THR B 64 36.17 9.48 5.22
C THR B 64 36.47 8.09 5.78
N VAL B 65 35.66 7.10 5.37
CA VAL B 65 35.85 5.75 5.87
C VAL B 65 35.47 4.73 4.80
N GLN B 66 36.31 3.72 4.65
CA GLN B 66 36.17 2.72 3.65
C GLN B 66 35.58 1.46 4.32
N ALA B 67 34.63 0.87 3.61
CA ALA B 67 34.20 -0.47 3.91
C ALA B 67 33.40 -0.96 2.70
N ASP B 68 33.51 -2.25 2.52
CA ASP B 68 32.62 -2.96 1.63
C ASP B 68 31.41 -3.35 2.48
N LEU B 69 30.23 -2.93 2.07
CA LEU B 69 28.99 -3.34 2.74
C LEU B 69 28.35 -4.58 2.08
N SER B 70 28.97 -5.17 1.07
CA SER B 70 28.57 -6.52 0.67
C SER B 70 28.54 -7.55 1.84
N ASN B 71 27.65 -8.60 1.80
CA ASN B 71 27.51 -9.56 2.91
C ASN B 71 28.66 -10.58 2.72
N VAL B 72 29.90 -10.09 2.76
CA VAL B 72 31.06 -10.94 2.60
C VAL B 72 32.02 -10.66 3.76
N ALA B 73 32.76 -11.68 4.20
CA ALA B 73 33.77 -11.52 5.24
C ALA B 73 35.04 -11.08 4.53
N THR B 74 35.78 -10.09 5.07
CA THR B 74 36.93 -9.57 4.33
C THR B 74 38.26 -9.85 5.04
N ALA B 75 39.36 -9.30 4.50
CA ALA B 75 40.70 -9.49 5.06
C ALA B 75 41.28 -8.19 5.63
N PRO B 85 38.76 -13.79 9.54
CA PRO B 85 37.98 -12.95 8.58
C PRO B 85 37.14 -11.91 9.33
N VAL B 86 36.93 -10.73 8.72
CA VAL B 86 36.11 -9.66 9.31
C VAL B 86 34.72 -9.69 8.70
N THR B 87 33.70 -9.99 9.51
CA THR B 87 32.34 -10.12 8.97
C THR B 87 31.66 -8.76 8.81
N LEU B 88 30.77 -8.68 7.82
CA LEU B 88 29.94 -7.51 7.52
C LEU B 88 29.46 -6.85 8.80
N PHE B 89 29.09 -7.65 9.79
CA PHE B 89 28.49 -6.99 10.92
C PHE B 89 29.54 -6.19 11.71
N THR B 90 30.78 -6.70 11.82
CA THR B 90 31.81 -5.92 12.47
C THR B 90 32.24 -4.73 11.60
N ARG B 91 32.18 -4.82 10.28
CA ARG B 91 32.67 -3.64 9.56
C ARG B 91 31.68 -2.48 9.73
N CYS B 92 30.38 -2.84 9.96
CA CYS B 92 29.31 -1.88 10.23
C CYS B 92 29.45 -1.28 11.62
N ALA B 93 29.74 -2.10 12.63
CA ALA B 93 29.94 -1.46 13.93
C ALA B 93 31.17 -0.58 13.80
N GLU B 94 32.15 -1.01 13.00
CA GLU B 94 33.37 -0.21 12.83
C GLU B 94 33.03 1.20 12.34
N LEU B 95 32.25 1.30 11.25
CA LEU B 95 31.77 2.56 10.71
C LEU B 95 31.14 3.43 11.79
N VAL B 96 30.26 2.86 12.61
CA VAL B 96 29.58 3.68 13.60
C VAL B 96 30.61 4.11 14.65
N ALA B 97 31.59 3.22 14.95
CA ALA B 97 32.62 3.41 15.97
C ALA B 97 33.39 4.69 15.68
N ALA B 98 33.63 4.88 14.37
CA ALA B 98 34.52 5.86 13.81
C ALA B 98 33.98 7.30 14.00
N CYS B 99 32.65 7.47 14.07
CA CYS B 99 32.05 8.76 14.41
C CYS B 99 32.19 9.07 15.90
N TYR B 100 32.11 8.03 16.71
CA TYR B 100 32.20 8.22 18.15
C TYR B 100 33.66 8.43 18.58
N THR B 101 34.58 7.66 17.97
CA THR B 101 36.02 7.86 17.91
C THR B 101 36.38 9.33 17.72
N HIS B 102 36.14 9.85 16.52
CA HIS B 102 36.50 11.19 16.11
C HIS B 102 35.79 12.26 16.95
N TRP B 103 34.45 12.23 16.96
CA TRP B 103 33.64 13.37 17.34
C TRP B 103 32.89 13.14 18.64
N GLY B 104 32.86 11.90 19.13
CA GLY B 104 32.08 11.57 20.33
C GLY B 104 30.57 11.42 20.09
N ARG B 105 30.10 11.47 18.83
CA ARG B 105 28.67 11.30 18.56
C ARG B 105 28.33 10.78 17.16
N CYS B 106 27.06 10.36 17.01
CA CYS B 106 26.41 10.01 15.76
C CYS B 106 24.93 10.28 15.94
N ASP B 107 24.38 11.28 15.23
CA ASP B 107 22.98 11.69 15.44
C ASP B 107 22.09 11.22 14.28
N VAL B 108 22.67 11.18 13.08
CA VAL B 108 22.02 10.85 11.82
C VAL B 108 22.84 9.72 11.22
N LEU B 109 22.11 8.73 10.67
CA LEU B 109 22.60 7.68 9.79
C LEU B 109 21.76 7.74 8.52
N VAL B 110 22.42 7.90 7.37
CA VAL B 110 21.78 7.70 6.08
C VAL B 110 22.40 6.44 5.48
N ASN B 111 21.57 5.40 5.29
CA ASN B 111 21.87 4.21 4.51
C ASN B 111 21.54 4.49 3.05
N ASN B 112 22.50 5.08 2.36
CA ASN B 112 22.34 5.45 0.97
C ASN B 112 23.02 4.47 0.03
N ALA B 113 24.13 3.83 0.46
CA ALA B 113 24.93 3.01 -0.44
C ALA B 113 24.04 1.91 -1.01
N SER B 114 24.18 1.59 -2.31
CA SER B 114 23.33 0.54 -2.89
C SER B 114 23.95 0.14 -4.19
N SER B 115 24.21 -1.16 -4.36
CA SER B 115 24.60 -1.59 -5.69
C SER B 115 23.30 -1.88 -6.42
N PHE B 116 23.38 -1.86 -7.73
CA PHE B 116 22.17 -1.94 -8.48
C PHE B 116 22.58 -2.50 -9.83
N TYR B 117 22.17 -3.72 -10.12
CA TYR B 117 22.38 -4.31 -11.42
C TYR B 117 21.45 -5.49 -11.57
N PRO B 118 21.20 -5.88 -12.83
CA PRO B 118 20.24 -6.92 -13.20
C PRO B 118 20.63 -8.25 -12.58
N THR B 119 19.61 -9.00 -12.11
CA THR B 119 19.78 -10.40 -11.81
C THR B 119 18.60 -11.11 -12.45
N PRO B 120 18.68 -11.40 -13.76
CA PRO B 120 17.50 -11.82 -14.51
C PRO B 120 17.13 -13.26 -14.14
N LEU B 121 15.84 -13.58 -14.32
CA LEU B 121 15.34 -14.94 -14.17
C LEU B 121 15.49 -15.74 -15.46
N LEU B 122 15.19 -15.17 -16.63
CA LEU B 122 15.39 -16.00 -17.83
C LEU B 122 16.65 -15.56 -18.59
N ARG B 123 16.85 -16.13 -19.81
CA ARG B 123 17.88 -15.77 -20.80
C ARG B 123 19.28 -15.92 -20.19
N ASN B 124 20.29 -15.20 -20.71
CA ASN B 124 21.59 -15.07 -20.06
C ASN B 124 22.27 -13.75 -20.47
N ARG B 136 26.96 -18.68 -11.73
CA ARG B 136 27.17 -19.38 -10.44
C ARG B 136 28.34 -18.70 -9.72
N GLU B 137 29.31 -18.23 -10.51
CA GLU B 137 30.28 -17.29 -9.96
C GLU B 137 29.57 -15.96 -9.74
N ALA B 138 28.91 -15.51 -10.81
CA ALA B 138 28.15 -14.26 -10.76
C ALA B 138 27.12 -14.32 -9.62
N MET B 139 26.26 -15.33 -9.66
CA MET B 139 25.06 -15.35 -8.84
C MET B 139 25.38 -15.27 -7.35
N GLU B 140 26.42 -15.97 -6.87
CA GLU B 140 26.69 -15.90 -5.44
C GLU B 140 27.17 -14.51 -5.04
N THR B 141 27.97 -13.88 -5.89
CA THR B 141 28.45 -12.55 -5.60
C THR B 141 27.31 -11.52 -5.66
N ALA B 142 26.33 -11.63 -6.57
CA ALA B 142 25.19 -10.70 -6.63
C ALA B 142 24.33 -10.78 -5.38
N THR B 143 24.03 -12.00 -4.95
CA THR B 143 23.26 -12.17 -3.74
C THR B 143 23.92 -11.39 -2.58
N ALA B 144 25.22 -11.63 -2.28
CA ALA B 144 25.80 -10.94 -1.11
C ALA B 144 25.93 -9.44 -1.32
N ASP B 145 26.24 -9.03 -2.56
CA ASP B 145 26.43 -7.60 -2.82
C ASP B 145 25.12 -6.84 -2.79
N LEU B 146 24.08 -7.34 -3.50
CA LEU B 146 22.81 -6.63 -3.62
C LEU B 146 22.09 -6.64 -2.27
N PHE B 147 22.02 -7.77 -1.60
CA PHE B 147 21.39 -7.85 -0.26
C PHE B 147 22.24 -7.28 0.88
N GLY B 148 23.57 -7.48 0.86
CA GLY B 148 24.41 -6.79 1.83
C GLY B 148 24.14 -5.29 1.88
N SER B 149 24.34 -4.66 0.70
CA SER B 149 24.45 -3.24 0.66
C SER B 149 23.08 -2.58 0.87
N ASN B 150 22.01 -3.21 0.34
CA ASN B 150 20.69 -2.59 0.28
C ASN B 150 19.97 -2.82 1.57
N ALA B 151 20.37 -3.89 2.28
CA ALA B 151 19.51 -4.52 3.27
C ALA B 151 20.27 -4.98 4.53
N ILE B 152 21.29 -5.86 4.37
CA ILE B 152 21.92 -6.47 5.50
C ILE B 152 22.73 -5.45 6.29
N ALA B 153 23.56 -4.68 5.59
CA ALA B 153 24.41 -3.73 6.31
C ALA B 153 23.53 -2.68 6.96
N PRO B 154 22.52 -2.09 6.25
CA PRO B 154 21.59 -1.16 6.89
C PRO B 154 21.08 -1.79 8.18
N TYR B 155 20.70 -3.06 8.12
CA TYR B 155 20.26 -3.67 9.36
C TYR B 155 21.35 -3.47 10.43
N PHE B 156 22.60 -3.83 10.08
CA PHE B 156 23.71 -3.96 11.02
C PHE B 156 24.15 -2.57 11.51
N LEU B 157 24.09 -1.60 10.61
CA LEU B 157 24.40 -0.21 10.91
C LEU B 157 23.41 0.37 11.94
N ILE B 158 22.12 0.03 11.79
CA ILE B 158 21.09 0.55 12.65
C ILE B 158 21.32 -0.03 14.05
N LYS B 159 21.72 -1.31 14.07
CA LYS B 159 21.95 -2.04 15.30
C LYS B 159 23.09 -1.36 16.04
N ALA B 160 24.16 -1.09 15.30
CA ALA B 160 25.32 -0.44 15.87
C ALA B 160 24.92 0.92 16.44
N PHE B 161 24.02 1.62 15.74
CA PHE B 161 23.72 3.01 16.05
C PHE B 161 22.89 3.12 17.32
N ALA B 162 21.98 2.15 17.44
CA ALA B 162 20.98 2.09 18.50
C ALA B 162 21.63 1.68 19.81
N HIS B 163 22.54 0.71 19.70
CA HIS B 163 23.33 0.26 20.83
C HIS B 163 24.13 1.44 21.35
N ARG B 164 24.65 2.29 20.46
CA ARG B 164 25.49 3.45 20.88
C ARG B 164 24.65 4.39 21.76
N VAL B 165 23.47 4.77 21.26
CA VAL B 165 22.55 5.66 21.95
C VAL B 165 22.14 5.00 23.25
N ALA B 166 21.77 3.72 23.19
CA ALA B 166 21.36 2.97 24.37
C ALA B 166 22.45 3.08 25.44
N GLY B 167 23.72 3.09 25.02
CA GLY B 167 24.85 3.06 25.93
C GLY B 167 25.46 4.43 26.21
N THR B 168 24.77 5.48 25.75
CA THR B 168 24.92 6.85 26.21
C THR B 168 23.90 7.08 27.33
N PRO B 169 24.32 7.50 28.55
CA PRO B 169 23.39 7.89 29.60
C PRO B 169 22.41 8.91 29.03
N ALA B 170 21.16 8.83 29.50
CA ALA B 170 20.09 9.64 28.91
C ALA B 170 20.51 11.11 28.86
N LYS B 171 21.09 11.59 29.98
CA LYS B 171 21.35 13.00 30.19
C LYS B 171 22.42 13.48 29.21
N HIS B 172 23.05 12.54 28.50
CA HIS B 172 24.12 12.88 27.56
C HIS B 172 23.73 12.56 26.11
N ARG B 173 22.53 11.98 25.93
CA ARG B 173 22.01 11.73 24.60
C ARG B 173 21.72 13.05 23.87
N GLY B 174 21.90 13.04 22.56
CA GLY B 174 21.42 14.12 21.73
C GLY B 174 19.90 14.09 21.68
N THR B 175 19.35 15.12 21.08
CA THR B 175 17.95 15.48 21.19
C THR B 175 17.25 15.20 19.85
N ASN B 176 17.99 14.62 18.90
CA ASN B 176 17.39 14.46 17.58
C ASN B 176 18.10 13.38 16.75
N TYR B 177 17.85 12.12 17.08
CA TYR B 177 18.40 11.00 16.33
C TYR B 177 17.47 10.69 15.15
N SER B 178 18.07 10.57 13.99
CA SER B 178 17.28 10.34 12.80
C SER B 178 18.08 9.47 11.84
N ILE B 179 17.46 8.33 11.44
CA ILE B 179 17.98 7.41 10.42
C ILE B 179 17.12 7.50 9.16
N ILE B 180 17.73 7.65 8.00
CA ILE B 180 17.03 7.61 6.71
C ILE B 180 17.58 6.49 5.85
N ASN B 181 16.67 5.65 5.35
CA ASN B 181 17.00 4.57 4.43
C ASN B 181 16.55 5.00 3.06
N MET B 182 17.46 4.96 2.07
CA MET B 182 17.14 5.29 0.69
C MET B 182 16.53 4.04 0.06
N VAL B 183 15.24 4.14 -0.21
CA VAL B 183 14.42 3.06 -0.74
C VAL B 183 14.14 3.50 -2.18
N ASP B 184 13.12 2.99 -2.83
CA ASP B 184 12.90 3.28 -4.23
C ASP B 184 11.40 3.51 -4.40
N ALA B 185 11.01 4.66 -4.98
CA ALA B 185 9.58 4.92 -5.15
C ALA B 185 8.97 3.82 -6.03
N MET B 186 9.77 3.18 -6.87
CA MET B 186 9.20 2.49 -8.01
C MET B 186 9.20 0.96 -7.84
N THR B 187 9.43 0.43 -6.63
CA THR B 187 9.61 -1.02 -6.48
C THR B 187 8.32 -1.86 -6.56
N ASN B 188 7.16 -1.27 -6.24
CA ASN B 188 5.86 -1.89 -6.48
C ASN B 188 5.53 -2.01 -7.95
N GLN B 189 6.29 -1.31 -8.78
CA GLN B 189 6.25 -1.47 -10.23
C GLN B 189 7.63 -1.94 -10.69
N PRO B 190 7.98 -3.23 -10.52
CA PRO B 190 9.40 -3.62 -10.61
C PRO B 190 10.02 -3.37 -11.98
N LEU B 191 11.32 -3.12 -11.95
CA LEU B 191 12.16 -3.01 -13.11
C LEU B 191 12.46 -4.43 -13.58
N LEU B 192 12.19 -4.69 -14.85
CA LEU B 192 12.30 -6.03 -15.40
C LEU B 192 13.76 -6.49 -15.31
N GLY B 193 14.02 -7.67 -14.72
CA GLY B 193 15.36 -8.22 -14.66
C GLY B 193 16.15 -7.75 -13.42
N TYR B 194 15.48 -7.16 -12.42
CA TYR B 194 16.13 -6.61 -11.25
C TYR B 194 15.66 -7.23 -9.93
N THR B 195 15.19 -8.50 -9.94
CA THR B 195 14.54 -9.09 -8.73
C THR B 195 15.36 -8.94 -7.43
N ILE B 196 16.63 -9.36 -7.47
CA ILE B 196 17.53 -9.28 -6.27
C ILE B 196 17.42 -7.88 -5.69
N TYR B 197 17.73 -6.87 -6.50
CA TYR B 197 17.63 -5.48 -6.08
C TYR B 197 16.21 -5.20 -5.50
N THR B 198 15.14 -5.61 -6.20
CA THR B 198 13.81 -5.18 -5.79
C THR B 198 13.49 -5.84 -4.45
N MET B 199 13.98 -7.07 -4.25
CA MET B 199 13.74 -7.74 -3.00
C MET B 199 14.47 -7.02 -1.86
N ALA B 200 15.68 -6.51 -2.19
CA ALA B 200 16.55 -5.96 -1.13
C ALA B 200 15.93 -4.64 -0.63
N LYS B 201 15.39 -3.83 -1.54
CA LYS B 201 14.60 -2.61 -1.26
C LYS B 201 13.33 -2.86 -0.43
N GLY B 202 12.65 -3.99 -0.71
CA GLY B 202 11.49 -4.37 0.12
C GLY B 202 11.88 -4.82 1.53
N ALA B 203 13.09 -5.45 1.67
CA ALA B 203 13.65 -5.74 3.00
C ALA B 203 13.96 -4.44 3.74
N LEU B 204 14.53 -3.47 3.01
CA LEU B 204 14.84 -2.16 3.59
C LEU B 204 13.55 -1.42 4.01
N GLU B 205 12.47 -1.57 3.28
CA GLU B 205 11.20 -0.97 3.68
C GLU B 205 10.75 -1.57 5.01
N GLY B 206 10.87 -2.90 5.08
CA GLY B 206 10.63 -3.73 6.25
C GLY B 206 11.49 -3.24 7.40
N LEU B 207 12.77 -2.97 7.07
CA LEU B 207 13.72 -2.50 8.09
C LEU B 207 13.25 -1.17 8.74
N THR B 208 12.84 -0.25 7.87
CA THR B 208 12.38 1.06 8.34
C THR B 208 11.24 0.98 9.36
N ARG B 209 10.19 0.18 9.05
CA ARG B 209 9.00 0.11 9.88
C ARG B 209 9.38 -0.63 11.16
N SER B 210 10.12 -1.73 11.01
CA SER B 210 10.52 -2.58 12.12
C SER B 210 11.42 -1.81 13.07
N ALA B 211 12.54 -1.25 12.58
CA ALA B 211 13.38 -0.39 13.44
C ALA B 211 12.63 0.82 14.01
N ALA B 212 11.81 1.49 13.18
CA ALA B 212 11.05 2.64 13.72
C ALA B 212 10.30 2.26 15.01
N LEU B 213 9.65 1.11 14.93
CA LEU B 213 8.81 0.67 16.01
C LEU B 213 9.68 0.34 17.22
N GLU B 214 10.79 -0.37 16.97
CA GLU B 214 11.64 -0.87 18.03
C GLU B 214 12.41 0.28 18.70
N LEU B 215 12.76 1.31 17.92
CA LEU B 215 13.73 2.27 18.46
C LEU B 215 12.99 3.51 18.99
N ALA B 216 11.66 3.51 18.87
CA ALA B 216 10.88 4.66 19.22
C ALA B 216 11.15 5.06 20.68
N PRO B 217 11.24 4.08 21.61
CA PRO B 217 11.54 4.34 23.02
C PRO B 217 12.87 5.12 23.18
N LEU B 218 13.80 4.93 22.24
CA LEU B 218 15.05 5.66 22.33
C LEU B 218 14.88 7.03 21.69
N GLN B 219 13.68 7.33 21.19
CA GLN B 219 13.45 8.51 20.37
C GLN B 219 14.38 8.55 19.14
N ILE B 220 14.77 7.37 18.60
CA ILE B 220 15.39 7.30 17.30
C ILE B 220 14.29 7.18 16.24
N ARG B 221 14.24 8.15 15.34
CA ARG B 221 13.23 8.15 14.23
C ARG B 221 13.87 7.44 13.03
N VAL B 222 13.11 6.59 12.33
CA VAL B 222 13.70 5.87 11.20
C VAL B 222 12.73 6.03 10.05
N ASN B 223 13.23 6.58 8.94
CA ASN B 223 12.30 6.79 7.85
C ASN B 223 12.97 6.44 6.54
N GLY B 224 12.14 6.43 5.47
CA GLY B 224 12.61 6.08 4.15
C GLY B 224 12.39 7.26 3.21
N VAL B 225 13.28 7.42 2.22
CA VAL B 225 13.09 8.35 1.11
C VAL B 225 13.29 7.58 -0.17
N GLY B 226 12.32 7.69 -1.08
CA GLY B 226 12.26 6.82 -2.24
C GLY B 226 12.32 7.61 -3.52
N PRO B 227 13.53 7.80 -4.14
CA PRO B 227 13.64 8.41 -5.45
C PRO B 227 12.92 7.60 -6.53
N GLY B 228 12.48 8.31 -7.59
CA GLY B 228 12.03 7.68 -8.82
C GLY B 228 13.13 7.59 -9.86
N LEU B 229 13.14 8.51 -10.85
CA LEU B 229 14.28 8.61 -11.77
C LEU B 229 15.09 9.81 -11.27
N SER B 230 16.34 9.60 -10.90
CA SER B 230 17.19 10.67 -10.37
C SER B 230 18.60 10.60 -10.95
N VAL B 231 19.06 11.77 -11.48
CA VAL B 231 20.33 11.96 -12.18
C VAL B 231 20.69 10.84 -13.17
N LEU B 232 19.78 10.53 -14.09
CA LEU B 232 19.93 9.47 -15.10
C LEU B 232 21.28 9.44 -15.82
N MET B 236 22.94 5.19 -23.32
CA MET B 236 22.16 4.60 -24.45
C MET B 236 21.83 5.71 -25.45
N PRO B 237 21.28 5.45 -26.68
CA PRO B 237 20.97 6.49 -27.66
C PRO B 237 20.13 7.63 -27.07
N PRO B 238 20.41 8.91 -27.39
CA PRO B 238 19.76 10.04 -26.71
C PRO B 238 18.24 9.96 -26.73
N ALA B 239 17.67 9.31 -27.76
CA ALA B 239 16.22 9.12 -27.85
C ALA B 239 15.72 8.23 -26.72
N VAL B 240 16.58 7.30 -26.24
CA VAL B 240 16.28 6.40 -25.13
C VAL B 240 16.23 7.16 -23.79
N TRP B 241 17.30 7.91 -23.49
CA TRP B 241 17.42 8.77 -22.32
C TRP B 241 16.22 9.72 -22.23
N GLU B 242 15.92 10.38 -23.35
CA GLU B 242 14.80 11.30 -23.50
C GLU B 242 13.47 10.56 -23.27
N GLY B 243 13.34 9.34 -23.83
CA GLY B 243 12.14 8.53 -23.73
C GLY B 243 11.81 8.24 -22.26
N HIS B 244 12.81 7.82 -21.51
CA HIS B 244 12.69 7.61 -20.06
C HIS B 244 12.29 8.87 -19.33
N ARG B 245 13.00 9.97 -19.57
CA ARG B 245 12.73 11.25 -18.92
C ARG B 245 11.32 11.76 -19.25
N SER B 246 10.89 11.56 -20.49
CA SER B 246 9.63 12.05 -20.98
C SER B 246 8.45 11.48 -20.16
N LYS B 247 8.67 10.37 -19.45
CA LYS B 247 7.55 9.63 -18.88
C LYS B 247 7.25 10.15 -17.49
N VAL B 248 8.09 11.04 -16.93
CA VAL B 248 7.83 11.52 -15.58
C VAL B 248 6.73 12.58 -15.69
N PRO B 249 5.56 12.43 -15.03
CA PRO B 249 4.52 13.46 -15.17
C PRO B 249 5.01 14.86 -14.81
N LEU B 250 5.61 15.06 -13.64
CA LEU B 250 5.96 16.42 -13.23
C LEU B 250 7.31 16.79 -13.83
N TYR B 251 7.29 17.71 -14.83
CA TYR B 251 8.48 18.31 -15.42
C TYR B 251 9.04 17.45 -16.55
N GLN B 252 8.58 16.19 -16.66
CA GLN B 252 9.11 15.27 -17.65
C GLN B 252 10.63 15.14 -17.61
N ARG B 253 11.23 15.07 -16.41
CA ARG B 253 12.65 14.79 -16.24
C ARG B 253 12.89 14.03 -14.93
N ASP B 254 14.08 13.46 -14.87
CA ASP B 254 14.67 12.92 -13.68
C ASP B 254 14.93 14.04 -12.69
N SER B 255 15.06 13.69 -11.41
CA SER B 255 15.39 14.69 -10.41
C SER B 255 16.88 15.05 -10.41
N SER B 256 17.21 16.12 -9.69
CA SER B 256 18.60 16.42 -9.42
C SER B 256 18.88 15.81 -8.04
N ALA B 257 20.15 15.80 -7.70
CA ALA B 257 20.57 15.28 -6.41
C ALA B 257 19.84 16.07 -5.31
N ALA B 258 19.80 17.40 -5.51
CA ALA B 258 19.32 18.29 -4.47
C ALA B 258 17.80 18.12 -4.24
N GLU B 259 17.06 17.76 -5.28
CA GLU B 259 15.63 17.49 -5.18
C GLU B 259 15.38 16.33 -4.21
N VAL B 260 16.36 15.42 -4.10
CA VAL B 260 16.22 14.29 -3.22
C VAL B 260 16.85 14.64 -1.87
N SER B 261 18.03 15.26 -1.87
CA SER B 261 18.75 15.42 -0.62
C SER B 261 18.04 16.42 0.28
N ASP B 262 17.27 17.33 -0.33
CA ASP B 262 16.51 18.30 0.45
C ASP B 262 15.44 17.63 1.32
N VAL B 263 14.92 16.50 0.82
CA VAL B 263 13.87 15.77 1.50
C VAL B 263 14.56 15.06 2.67
N VAL B 264 15.75 14.53 2.39
CA VAL B 264 16.45 13.77 3.42
C VAL B 264 16.73 14.72 4.57
N ILE B 265 17.25 15.91 4.23
CA ILE B 265 17.65 16.82 5.27
C ILE B 265 16.44 17.29 6.08
N PHE B 266 15.28 17.41 5.44
CA PHE B 266 14.11 17.82 6.18
C PHE B 266 13.72 16.78 7.23
N LEU B 267 13.74 15.49 6.83
CA LEU B 267 13.37 14.40 7.70
C LEU B 267 14.33 14.28 8.89
N CYS B 268 15.57 14.77 8.73
CA CYS B 268 16.52 14.76 9.82
C CYS B 268 16.38 15.99 10.70
N SER B 269 15.63 16.99 10.22
CA SER B 269 15.50 18.23 10.97
C SER B 269 14.52 18.05 12.12
N SER B 270 14.67 18.91 13.13
CA SER B 270 13.86 18.83 14.33
C SER B 270 12.41 19.13 13.96
N LYS B 271 12.22 19.68 12.77
CA LYS B 271 10.86 19.93 12.31
C LYS B 271 10.08 18.64 12.04
N ALA B 272 10.77 17.56 11.69
CA ALA B 272 10.05 16.34 11.33
C ALA B 272 9.99 15.40 12.54
N LYS B 273 10.14 15.96 13.75
CA LYS B 273 10.40 15.13 14.93
C LYS B 273 9.24 14.20 15.30
N TYR B 274 8.06 14.38 14.64
CA TYR B 274 6.94 13.47 14.92
C TYR B 274 6.79 12.41 13.82
N ILE B 275 7.68 12.42 12.82
CA ILE B 275 7.61 11.53 11.68
C ILE B 275 8.55 10.35 11.93
N THR B 276 8.01 9.13 12.13
CA THR B 276 8.85 7.93 12.09
C THR B 276 8.05 6.82 11.40
N GLY B 277 8.76 5.88 10.77
CA GLY B 277 8.18 4.68 10.20
C GLY B 277 7.61 4.91 8.80
N THR B 278 7.84 6.06 8.20
CA THR B 278 7.15 6.41 6.97
C THR B 278 8.17 6.59 5.85
N CSX B 279 7.72 6.31 4.62
CA CSX B 279 8.55 6.43 3.42
CA CSX B 279 8.49 6.37 3.39
CB CSX B 279 8.64 5.12 2.62
CB CSX B 279 8.19 5.14 2.56
SG CSX B 279 9.66 3.82 3.37
SG CSX B 279 9.34 4.87 1.21
C CSX B 279 7.95 7.53 2.57
O CSX B 279 6.74 7.50 2.29
OD CSX B 279 8.72 2.77 3.90
OD CSX B 279 9.00 5.90 0.11
N VAL B 280 8.79 8.50 2.21
CA VAL B 280 8.41 9.63 1.37
C VAL B 280 8.97 9.38 -0.03
N LYS B 281 8.06 9.29 -1.00
CA LYS B 281 8.43 9.16 -2.39
C LYS B 281 8.91 10.52 -2.86
N VAL B 282 10.03 10.54 -3.59
CA VAL B 282 10.42 11.73 -4.34
C VAL B 282 10.58 11.38 -5.80
N ASP B 283 9.48 11.43 -6.59
CA ASP B 283 9.42 10.67 -7.84
C ASP B 283 8.71 11.40 -8.95
N GLY B 284 8.34 12.66 -8.72
CA GLY B 284 7.66 13.46 -9.74
C GLY B 284 6.39 12.82 -10.26
N GLY B 285 5.77 11.91 -9.49
CA GLY B 285 4.52 11.32 -10.01
C GLY B 285 4.72 10.04 -10.81
N TYR B 286 5.98 9.57 -10.91
CA TYR B 286 6.27 8.45 -11.82
C TYR B 286 5.55 7.18 -11.38
N SER B 287 5.42 6.98 -10.06
CA SER B 287 4.73 5.81 -9.52
C SER B 287 3.23 5.82 -9.86
N LEU B 288 2.69 6.98 -10.27
CA LEU B 288 1.27 7.13 -10.60
C LEU B 288 1.01 6.65 -12.02
N THR B 289 2.07 6.39 -12.80
CA THR B 289 1.86 6.01 -14.20
C THR B 289 1.70 4.49 -14.36
N ARG B 290 1.15 4.10 -15.52
CA ARG B 290 0.94 2.68 -15.89
C ARG B 290 1.31 2.54 -17.37
N ALA B 291 1.77 1.35 -17.78
CA ALA B 291 2.14 1.08 -19.16
C ALA B 291 1.02 1.52 -20.09
N THR C 8 -32.24 -23.25 3.17
CA THR C 8 -31.13 -24.07 2.61
C THR C 8 -30.57 -23.45 1.31
N VAL C 9 -31.38 -22.66 0.61
CA VAL C 9 -30.81 -22.01 -0.58
C VAL C 9 -30.46 -20.55 -0.25
N PRO C 10 -29.19 -20.16 -0.41
CA PRO C 10 -28.79 -18.82 0.00
C PRO C 10 -29.17 -17.86 -1.13
N VAL C 11 -29.20 -16.57 -0.81
CA VAL C 11 -29.66 -15.52 -1.71
C VAL C 11 -28.51 -14.53 -1.87
N ALA C 12 -28.22 -14.14 -3.12
CA ALA C 12 -27.31 -13.05 -3.43
C ALA C 12 -28.07 -11.91 -4.06
N LEU C 13 -27.78 -10.65 -3.61
CA LEU C 13 -28.17 -9.45 -4.31
C LEU C 13 -26.97 -8.89 -5.07
N VAL C 14 -27.08 -8.88 -6.42
CA VAL C 14 -26.04 -8.38 -7.29
C VAL C 14 -26.51 -7.08 -7.95
N THR C 15 -25.87 -5.94 -7.65
CA THR C 15 -26.16 -4.69 -8.36
C THR C 15 -25.53 -4.62 -9.77
N GLY C 16 -26.23 -3.97 -10.71
CA GLY C 16 -25.87 -3.84 -12.13
C GLY C 16 -25.59 -5.22 -12.72
N ALA C 17 -26.60 -6.09 -12.59
CA ALA C 17 -26.38 -7.49 -12.84
C ALA C 17 -26.67 -7.86 -14.29
N ALA C 18 -27.14 -6.91 -15.11
CA ALA C 18 -27.80 -7.17 -16.39
C ALA C 18 -26.81 -7.71 -17.42
N LYS C 19 -25.54 -7.23 -17.30
CA LYS C 19 -24.61 -7.56 -18.36
C LYS C 19 -23.18 -7.64 -17.83
N ARG C 20 -22.26 -7.96 -18.74
CA ARG C 20 -20.85 -7.82 -18.51
C ARG C 20 -20.46 -8.54 -17.23
N LEU C 21 -19.70 -7.87 -16.35
CA LEU C 21 -19.17 -8.56 -15.17
C LEU C 21 -20.27 -8.83 -14.17
N GLY C 22 -21.19 -7.88 -13.96
CA GLY C 22 -22.29 -8.15 -13.06
C GLY C 22 -23.11 -9.37 -13.48
N ARG C 23 -23.30 -9.57 -14.79
CA ARG C 23 -24.02 -10.74 -15.25
C ARG C 23 -23.26 -12.03 -14.99
N SER C 24 -21.93 -12.00 -15.13
CA SER C 24 -21.11 -13.18 -14.94
C SER C 24 -21.08 -13.53 -13.46
N ILE C 25 -21.13 -12.52 -12.59
CA ILE C 25 -21.19 -12.73 -11.16
C ILE C 25 -22.52 -13.41 -10.80
N ALA C 26 -23.63 -12.85 -11.29
CA ALA C 26 -24.92 -13.49 -11.03
C ALA C 26 -24.97 -14.91 -11.60
N GLU C 27 -24.47 -15.10 -12.82
CA GLU C 27 -24.46 -16.44 -13.38
C GLU C 27 -23.62 -17.39 -12.52
N GLY C 28 -22.43 -16.93 -12.09
CA GLY C 28 -21.58 -17.80 -11.28
C GLY C 28 -22.18 -18.10 -9.90
N LEU C 29 -22.80 -17.11 -9.28
CA LEU C 29 -23.40 -17.38 -7.98
C LEU C 29 -24.54 -18.40 -8.13
N HIS C 30 -25.35 -18.23 -9.19
CA HIS C 30 -26.48 -19.09 -9.51
C HIS C 30 -26.04 -20.54 -9.75
N ALA C 31 -24.99 -20.74 -10.58
CA ALA C 31 -24.32 -22.01 -10.75
C ALA C 31 -23.94 -22.66 -9.42
N GLU C 32 -23.64 -21.88 -8.39
CA GLU C 32 -23.27 -22.45 -7.10
C GLU C 32 -24.50 -22.75 -6.21
N GLY C 33 -25.71 -22.45 -6.70
CA GLY C 33 -26.94 -22.80 -5.98
C GLY C 33 -27.69 -21.62 -5.37
N TYR C 34 -27.13 -20.40 -5.49
CA TYR C 34 -27.75 -19.18 -5.00
C TYR C 34 -29.01 -18.85 -5.80
N ALA C 35 -30.01 -18.31 -5.08
CA ALA C 35 -31.04 -17.50 -5.72
C ALA C 35 -30.48 -16.08 -5.89
N VAL C 36 -30.78 -15.41 -6.99
CA VAL C 36 -30.09 -14.15 -7.29
C VAL C 36 -31.08 -13.03 -7.61
N CYS C 37 -31.00 -11.98 -6.79
CA CYS C 37 -31.68 -10.72 -7.05
C CYS C 37 -30.84 -9.90 -8.02
N LEU C 38 -31.35 -9.70 -9.24
CA LEU C 38 -30.67 -9.03 -10.34
C LEU C 38 -31.08 -7.56 -10.40
N HIS C 39 -30.21 -6.70 -9.86
CA HIS C 39 -30.53 -5.27 -9.86
C HIS C 39 -30.18 -4.71 -11.23
N TYR C 40 -30.97 -3.74 -11.70
CA TYR C 40 -30.66 -3.02 -12.93
C TYR C 40 -31.15 -1.56 -12.85
N HIS C 41 -30.59 -0.74 -13.72
CA HIS C 41 -31.03 0.63 -13.81
C HIS C 41 -31.64 0.87 -15.18
N ARG C 42 -30.86 0.74 -16.24
CA ARG C 42 -31.42 1.02 -17.56
C ARG C 42 -31.59 -0.26 -18.37
N SER C 43 -30.86 -1.33 -18.00
CA SER C 43 -30.83 -2.47 -18.90
C SER C 43 -31.97 -3.42 -18.56
N ALA C 44 -33.22 -2.95 -18.68
CA ALA C 44 -34.42 -3.72 -18.32
C ALA C 44 -34.57 -5.01 -19.14
N ALA C 45 -34.41 -4.93 -20.48
CA ALA C 45 -34.49 -6.10 -21.34
C ALA C 45 -33.42 -7.12 -21.02
N GLU C 46 -32.16 -6.68 -20.83
CA GLU C 46 -31.10 -7.64 -20.55
C GLU C 46 -31.34 -8.36 -19.23
N ALA C 47 -31.78 -7.62 -18.21
CA ALA C 47 -31.95 -8.16 -16.87
C ALA C 47 -33.08 -9.20 -16.85
N ASN C 48 -34.19 -8.85 -17.51
CA ASN C 48 -35.33 -9.75 -17.69
C ASN C 48 -34.95 -10.96 -18.53
N ALA C 49 -34.15 -10.79 -19.59
CA ALA C 49 -33.75 -12.01 -20.29
C ALA C 49 -32.89 -12.89 -19.36
N LEU C 50 -32.03 -12.28 -18.55
CA LEU C 50 -31.11 -13.11 -17.78
C LEU C 50 -31.89 -13.92 -16.74
N SER C 51 -32.86 -13.25 -16.10
CA SER C 51 -33.77 -13.84 -15.14
C SER C 51 -34.46 -15.06 -15.75
N ALA C 52 -34.95 -14.94 -17.00
CA ALA C 52 -35.71 -16.06 -17.53
C ALA C 52 -34.76 -17.22 -17.77
N THR C 53 -33.51 -16.91 -18.08
CA THR C 53 -32.54 -17.96 -18.35
C THR C 53 -32.33 -18.75 -17.06
N LEU C 54 -32.11 -18.01 -15.96
CA LEU C 54 -31.81 -18.66 -14.68
C LEU C 54 -33.08 -19.31 -14.09
N ASN C 55 -34.24 -18.63 -14.16
CA ASN C 55 -35.51 -19.23 -13.75
C ASN C 55 -35.90 -20.44 -14.61
N ALA C 56 -35.45 -20.54 -15.87
CA ALA C 56 -35.72 -21.73 -16.67
C ALA C 56 -34.88 -22.88 -16.18
N ARG C 57 -33.58 -22.62 -15.95
CA ARG C 57 -32.69 -23.62 -15.39
C ARG C 57 -33.18 -24.10 -14.03
N ARG C 58 -33.75 -23.18 -13.22
CA ARG C 58 -34.06 -23.52 -11.83
C ARG C 58 -35.18 -22.62 -11.33
N PRO C 59 -36.43 -23.12 -11.32
CA PRO C 59 -37.58 -22.30 -10.97
C PRO C 59 -37.38 -21.46 -9.72
N ASN C 60 -37.87 -20.23 -9.71
CA ASN C 60 -37.87 -19.32 -8.57
C ASN C 60 -36.45 -19.06 -8.05
N SER C 61 -35.49 -19.06 -8.97
CA SER C 61 -34.09 -18.88 -8.64
C SER C 61 -33.57 -17.45 -8.92
N ALA C 62 -34.41 -16.57 -9.48
CA ALA C 62 -34.02 -15.21 -9.88
C ALA C 62 -35.21 -14.25 -9.91
N ILE C 63 -34.93 -13.00 -9.51
CA ILE C 63 -35.89 -11.93 -9.65
C ILE C 63 -35.08 -10.74 -10.18
N THR C 64 -35.79 -9.66 -10.59
CA THR C 64 -35.14 -8.42 -11.02
C THR C 64 -35.81 -7.22 -10.36
N VAL C 65 -35.01 -6.20 -10.02
CA VAL C 65 -35.47 -5.02 -9.33
C VAL C 65 -34.73 -3.84 -9.94
N GLN C 66 -35.39 -2.70 -10.09
CA GLN C 66 -34.84 -1.56 -10.78
C GLN C 66 -34.59 -0.48 -9.75
N ALA C 67 -33.45 0.21 -9.91
CA ALA C 67 -33.17 1.34 -9.05
C ALA C 67 -32.04 2.19 -9.64
N ASP C 68 -32.23 3.49 -9.49
CA ASP C 68 -31.16 4.43 -9.76
C ASP C 68 -30.39 4.58 -8.45
N LEU C 69 -29.12 4.19 -8.49
CA LEU C 69 -28.27 4.29 -7.31
C LEU C 69 -27.52 5.63 -7.34
N SER C 70 -27.97 6.57 -8.16
CA SER C 70 -27.40 7.90 -8.12
C SER C 70 -27.72 8.56 -6.78
N ASN C 71 -26.87 9.47 -6.30
CA ASN C 71 -27.22 10.16 -5.06
C ASN C 71 -28.21 11.28 -5.38
N VAL C 72 -29.43 10.90 -5.78
CA VAL C 72 -30.51 11.86 -6.00
C VAL C 72 -31.80 11.34 -5.38
N ALA C 73 -32.84 12.18 -5.38
CA ALA C 73 -34.15 11.68 -5.04
C ALA C 73 -34.89 11.30 -6.31
N THR C 74 -35.82 10.37 -6.15
CA THR C 74 -36.66 9.87 -7.21
C THR C 74 -38.11 10.10 -6.74
N ALA C 75 -39.00 10.45 -7.67
CA ALA C 75 -40.36 10.81 -7.30
C ALA C 75 -41.09 9.52 -6.90
N PRO C 76 -42.23 9.57 -6.16
CA PRO C 76 -43.17 8.44 -6.11
C PRO C 76 -44.08 8.31 -7.34
N ALA C 84 -43.20 12.85 -0.15
CA ALA C 84 -41.73 12.72 -0.09
C ALA C 84 -41.22 12.28 -1.46
N PRO C 85 -40.21 12.97 -2.06
CA PRO C 85 -39.39 12.38 -3.11
C PRO C 85 -38.60 11.26 -2.43
N VAL C 86 -38.23 10.21 -3.19
CA VAL C 86 -37.62 9.03 -2.55
C VAL C 86 -36.09 9.16 -2.59
N THR C 87 -35.46 9.16 -1.42
CA THR C 87 -34.01 9.30 -1.26
C THR C 87 -33.30 8.03 -1.77
N LEU C 88 -31.98 8.13 -1.96
CA LEU C 88 -31.17 7.01 -2.41
C LEU C 88 -31.20 5.97 -1.29
N PHE C 89 -31.03 6.46 -0.06
CA PHE C 89 -31.14 5.58 1.11
C PHE C 89 -32.35 4.65 1.06
N THR C 90 -33.55 5.21 0.82
CA THR C 90 -34.76 4.41 0.83
C THR C 90 -34.70 3.33 -0.26
N ARG C 91 -34.31 3.75 -1.47
CA ARG C 91 -34.21 2.84 -2.64
C ARG C 91 -33.20 1.73 -2.36
N CYS C 92 -32.20 2.01 -1.50
CA CYS C 92 -31.19 1.01 -1.19
C CYS C 92 -31.76 -0.03 -0.24
N ALA C 93 -32.44 0.43 0.84
CA ALA C 93 -33.09 -0.45 1.81
C ALA C 93 -34.16 -1.33 1.13
N GLU C 94 -34.78 -0.78 0.07
CA GLU C 94 -35.85 -1.41 -0.69
C GLU C 94 -35.31 -2.54 -1.53
N LEU C 95 -34.07 -2.38 -2.02
CA LEU C 95 -33.41 -3.44 -2.76
C LEU C 95 -33.17 -4.60 -1.80
N VAL C 96 -32.74 -4.28 -0.59
CA VAL C 96 -32.37 -5.37 0.28
C VAL C 96 -33.68 -6.02 0.75
N ALA C 97 -34.73 -5.19 0.92
CA ALA C 97 -36.04 -5.65 1.36
C ALA C 97 -36.66 -6.63 0.37
N ALA C 98 -36.40 -6.42 -0.94
CA ALA C 98 -36.93 -7.25 -2.04
C ALA C 98 -36.46 -8.68 -1.91
N CYS C 99 -35.19 -8.86 -1.51
CA CYS C 99 -34.71 -10.23 -1.29
C CYS C 99 -35.41 -10.84 -0.07
N TYR C 100 -35.57 -10.06 1.00
CA TYR C 100 -36.17 -10.59 2.21
C TYR C 100 -37.62 -10.98 1.94
N THR C 101 -38.31 -10.14 1.15
CA THR C 101 -39.72 -10.31 0.83
C THR C 101 -39.92 -11.52 -0.07
N HIS C 102 -39.03 -11.72 -1.05
CA HIS C 102 -39.21 -12.84 -1.96
C HIS C 102 -38.84 -14.19 -1.33
N TRP C 103 -37.77 -14.22 -0.53
CA TRP C 103 -37.10 -15.48 -0.24
C TRP C 103 -36.77 -15.61 1.24
N GLY C 104 -36.92 -14.52 2.00
CA GLY C 104 -36.77 -14.53 3.45
C GLY C 104 -35.31 -14.44 3.90
N ARG C 105 -34.42 -14.15 2.95
CA ARG C 105 -33.02 -14.06 3.36
C ARG C 105 -32.27 -13.18 2.37
N CYS C 106 -31.01 -12.85 2.72
CA CYS C 106 -30.10 -12.24 1.79
C CYS C 106 -28.71 -12.43 2.38
N ASP C 107 -27.94 -13.29 1.73
CA ASP C 107 -26.73 -13.82 2.32
C ASP C 107 -25.52 -13.12 1.71
N VAL C 108 -25.66 -12.63 0.48
CA VAL C 108 -24.53 -12.12 -0.26
C VAL C 108 -24.95 -10.80 -0.89
N LEU C 109 -24.06 -9.81 -0.81
CA LEU C 109 -24.32 -8.58 -1.52
C LEU C 109 -23.12 -8.31 -2.44
N VAL C 110 -23.37 -8.15 -3.73
CA VAL C 110 -22.26 -7.73 -4.57
C VAL C 110 -22.51 -6.30 -5.07
N ASN C 111 -21.69 -5.36 -4.64
CA ASN C 111 -21.81 -3.98 -5.14
C ASN C 111 -20.96 -3.85 -6.38
N ASN C 112 -21.61 -4.09 -7.52
CA ASN C 112 -20.98 -4.18 -8.83
C ASN C 112 -21.35 -2.95 -9.68
N ALA C 113 -22.60 -2.46 -9.56
CA ALA C 113 -23.12 -1.38 -10.38
C ALA C 113 -22.26 -0.14 -10.17
N SER C 114 -21.96 0.51 -11.29
CA SER C 114 -20.95 1.54 -11.29
C SER C 114 -21.05 2.39 -12.57
N SER C 115 -21.21 3.71 -12.40
CA SER C 115 -21.03 4.50 -13.61
C SER C 115 -19.56 4.93 -13.73
N PHE C 116 -19.10 5.19 -14.96
CA PHE C 116 -17.71 5.43 -15.28
C PHE C 116 -17.70 6.31 -16.54
N TYR C 117 -17.24 7.58 -16.41
CA TYR C 117 -17.01 8.51 -17.53
C TYR C 117 -16.12 9.65 -17.04
N PRO C 118 -15.46 10.40 -17.95
CA PRO C 118 -14.49 11.43 -17.54
C PRO C 118 -15.08 12.56 -16.70
N THR C 119 -14.32 13.05 -15.71
CA THR C 119 -14.60 14.32 -15.07
C THR C 119 -13.31 15.13 -15.08
N PRO C 120 -12.90 15.72 -16.24
CA PRO C 120 -11.59 16.38 -16.37
C PRO C 120 -11.42 17.63 -15.49
N LEU C 121 -10.24 17.75 -14.85
CA LEU C 121 -10.01 18.93 -14.04
C LEU C 121 -9.62 20.10 -14.95
N LEU C 122 -9.07 19.79 -16.12
CA LEU C 122 -8.56 20.78 -17.06
C LEU C 122 -9.36 20.70 -18.36
N ARG C 123 -9.25 21.77 -19.17
CA ARG C 123 -9.79 21.90 -20.53
C ARG C 123 -10.99 20.99 -20.75
N ARG C 136 -21.37 23.14 -17.42
CA ARG C 136 -22.82 22.85 -17.18
C ARG C 136 -23.04 22.17 -15.82
N GLU C 137 -24.31 22.10 -15.41
CA GLU C 137 -24.75 21.52 -14.14
C GLU C 137 -24.54 20.00 -14.19
N ALA C 138 -24.04 19.51 -15.33
CA ALA C 138 -23.68 18.11 -15.51
C ALA C 138 -22.74 17.65 -14.39
N MET C 139 -21.90 18.56 -13.86
CA MET C 139 -20.96 18.28 -12.78
C MET C 139 -21.67 17.88 -11.48
N GLU C 140 -22.75 18.58 -11.09
CA GLU C 140 -23.60 18.10 -10.00
C GLU C 140 -24.22 16.74 -10.37
N THR C 141 -24.65 16.58 -11.64
CA THR C 141 -25.14 15.30 -12.15
C THR C 141 -24.07 14.20 -12.05
N ALA C 142 -22.80 14.57 -12.30
CA ALA C 142 -21.68 13.63 -12.37
C ALA C 142 -21.29 13.19 -10.99
N THR C 143 -21.19 14.17 -10.10
CA THR C 143 -20.96 13.94 -8.68
C THR C 143 -22.01 12.99 -8.14
N ALA C 144 -23.29 13.28 -8.39
CA ALA C 144 -24.34 12.48 -7.80
C ALA C 144 -24.24 11.04 -8.33
N ASP C 145 -24.11 10.90 -9.66
CA ASP C 145 -24.10 9.63 -10.34
C ASP C 145 -22.86 8.79 -10.02
N LEU C 146 -21.66 9.38 -10.07
CA LEU C 146 -20.42 8.59 -9.92
C LEU C 146 -20.25 8.27 -8.44
N PHE C 147 -20.51 9.25 -7.59
CA PHE C 147 -20.32 9.00 -6.18
C PHE C 147 -21.40 8.06 -5.64
N GLY C 148 -22.61 8.20 -6.18
CA GLY C 148 -23.78 7.47 -5.72
C GLY C 148 -23.59 5.97 -5.94
N SER C 149 -23.43 5.64 -7.23
CA SER C 149 -23.35 4.28 -7.71
C SER C 149 -22.13 3.60 -7.10
N ASN C 150 -21.00 4.33 -7.03
CA ASN C 150 -19.73 3.69 -6.69
C ASN C 150 -19.47 3.65 -5.18
N ALA C 151 -20.06 4.58 -4.41
CA ALA C 151 -19.60 4.70 -3.04
C ALA C 151 -20.80 4.84 -2.08
N ILE C 152 -21.71 5.77 -2.38
CA ILE C 152 -22.77 6.08 -1.42
C ILE C 152 -23.85 4.99 -1.38
N ALA C 153 -24.22 4.43 -2.54
CA ALA C 153 -25.24 3.39 -2.53
C ALA C 153 -24.64 2.14 -1.87
N PRO C 154 -23.42 1.67 -2.24
CA PRO C 154 -22.73 0.64 -1.44
C PRO C 154 -22.78 0.87 0.06
N TYR C 155 -22.52 2.09 0.52
CA TYR C 155 -22.68 2.30 1.95
C TYR C 155 -24.10 1.98 2.43
N PHE C 156 -25.11 2.49 1.73
CA PHE C 156 -26.49 2.34 2.19
C PHE C 156 -26.99 0.89 2.05
N LEU C 157 -26.51 0.18 1.04
CA LEU C 157 -26.85 -1.22 0.85
C LEU C 157 -26.26 -2.08 1.97
N ILE C 158 -24.99 -1.83 2.27
CA ILE C 158 -24.32 -2.60 3.30
C ILE C 158 -25.02 -2.34 4.64
N LYS C 159 -25.37 -1.07 4.91
CA LYS C 159 -26.11 -0.71 6.12
C LYS C 159 -27.43 -1.51 6.22
N ALA C 160 -28.21 -1.55 5.14
CA ALA C 160 -29.51 -2.24 5.16
C ALA C 160 -29.32 -3.75 5.33
N PHE C 161 -28.29 -4.27 4.63
CA PHE C 161 -27.89 -5.66 4.74
C PHE C 161 -27.60 -6.04 6.18
N ALA C 162 -26.75 -5.24 6.83
CA ALA C 162 -26.28 -5.48 8.18
C ALA C 162 -27.44 -5.36 9.17
N HIS C 163 -28.34 -4.35 8.99
CA HIS C 163 -29.49 -4.19 9.87
C HIS C 163 -30.34 -5.48 9.87
N ARG C 164 -30.64 -5.99 8.68
CA ARG C 164 -31.40 -7.21 8.46
C ARG C 164 -30.77 -8.43 9.12
N VAL C 165 -29.41 -8.59 9.02
CA VAL C 165 -28.75 -9.64 9.78
C VAL C 165 -28.94 -9.35 11.28
N ALA C 166 -28.72 -8.10 11.69
CA ALA C 166 -28.74 -7.72 13.10
C ALA C 166 -30.11 -8.02 13.73
N GLY C 167 -31.17 -7.90 12.92
CA GLY C 167 -32.55 -8.05 13.37
C GLY C 167 -33.12 -9.44 13.09
N THR C 168 -32.23 -10.38 12.75
CA THR C 168 -32.49 -11.82 12.70
C THR C 168 -32.00 -12.45 14.00
N PRO C 169 -32.84 -13.25 14.72
CA PRO C 169 -32.37 -13.93 15.94
C PRO C 169 -31.16 -14.79 15.56
N ALA C 170 -30.14 -14.72 16.41
CA ALA C 170 -28.91 -15.45 16.17
C ALA C 170 -29.23 -16.83 15.62
N LYS C 171 -30.12 -17.55 16.30
CA LYS C 171 -30.41 -18.96 15.99
C LYS C 171 -30.80 -19.16 14.52
N HIS C 172 -31.21 -18.09 13.83
CA HIS C 172 -31.85 -18.20 12.53
C HIS C 172 -30.98 -17.60 11.42
N ARG C 173 -29.88 -16.93 11.79
CA ARG C 173 -28.96 -16.28 10.85
C ARG C 173 -28.35 -17.31 9.90
N GLY C 174 -28.04 -16.90 8.67
CA GLY C 174 -27.28 -17.76 7.78
C GLY C 174 -25.86 -18.00 8.30
N THR C 175 -25.14 -18.88 7.61
CA THR C 175 -23.86 -19.27 8.18
C THR C 175 -22.68 -18.68 7.39
N ASN C 176 -22.95 -17.88 6.32
CA ASN C 176 -21.91 -17.45 5.39
C ASN C 176 -22.31 -16.12 4.71
N TYR C 177 -22.33 -15.04 5.49
CA TYR C 177 -22.65 -13.74 4.97
C TYR C 177 -21.38 -13.11 4.39
N SER C 178 -21.53 -12.59 3.15
CA SER C 178 -20.41 -12.13 2.34
C SER C 178 -20.76 -10.87 1.55
N ILE C 179 -19.99 -9.78 1.73
CA ILE C 179 -20.26 -8.62 0.88
C ILE C 179 -19.05 -8.40 0.00
N ILE C 180 -19.28 -8.32 -1.30
CA ILE C 180 -18.18 -8.09 -2.25
C ILE C 180 -18.33 -6.71 -2.92
N ASN C 181 -17.32 -5.85 -2.77
CA ASN C 181 -17.33 -4.56 -3.43
C ASN C 181 -16.42 -4.64 -4.65
N MET C 182 -16.94 -4.34 -5.84
CA MET C 182 -16.10 -4.26 -7.03
C MET C 182 -15.35 -2.92 -7.06
N VAL C 183 -14.02 -2.97 -6.84
CA VAL C 183 -13.17 -1.79 -6.79
C VAL C 183 -12.32 -1.87 -8.05
N ASP C 184 -11.13 -1.24 -8.07
CA ASP C 184 -10.40 -1.17 -9.34
C ASP C 184 -8.93 -1.38 -9.06
N ALA C 185 -8.31 -2.36 -9.72
CA ALA C 185 -6.90 -2.63 -9.44
C ALA C 185 -5.98 -1.46 -9.85
N MET C 186 -6.44 -0.59 -10.76
CA MET C 186 -5.57 0.42 -11.40
C MET C 186 -5.76 1.82 -10.83
N THR C 187 -6.51 2.00 -9.74
CA THR C 187 -6.79 3.38 -9.33
C THR C 187 -5.70 4.02 -8.48
N ASN C 188 -4.72 3.25 -7.98
CA ASN C 188 -3.47 3.85 -7.54
C ASN C 188 -2.63 4.41 -8.68
N GLN C 189 -3.01 4.10 -9.92
CA GLN C 189 -2.34 4.65 -11.08
C GLN C 189 -3.38 5.33 -11.95
N PRO C 190 -3.93 6.47 -11.48
CA PRO C 190 -5.24 6.95 -11.97
C PRO C 190 -5.21 7.08 -13.49
N LEU C 191 -6.36 6.86 -14.11
CA LEU C 191 -6.66 7.16 -15.51
C LEU C 191 -6.93 8.65 -15.66
N LEU C 192 -6.19 9.27 -16.58
CA LEU C 192 -6.19 10.71 -16.75
C LEU C 192 -7.60 11.18 -17.07
N GLY C 193 -8.11 12.12 -16.25
CA GLY C 193 -9.39 12.77 -16.47
C GLY C 193 -10.58 12.12 -15.74
N TYR C 194 -10.36 11.05 -14.94
CA TYR C 194 -11.51 10.40 -14.28
C TYR C 194 -11.50 10.63 -12.77
N THR C 195 -11.30 11.88 -12.30
CA THR C 195 -11.04 12.14 -10.90
C THR C 195 -12.17 11.66 -9.99
N ILE C 196 -13.41 12.02 -10.31
CA ILE C 196 -14.49 11.65 -9.42
C ILE C 196 -14.65 10.14 -9.33
N TYR C 197 -14.67 9.43 -10.47
CA TYR C 197 -14.71 7.97 -10.46
C TYR C 197 -13.57 7.36 -9.60
N THR C 198 -12.33 7.86 -9.77
CA THR C 198 -11.17 7.39 -9.03
C THR C 198 -11.35 7.70 -7.55
N MET C 199 -11.91 8.86 -7.20
CA MET C 199 -12.21 9.19 -5.80
C MET C 199 -13.24 8.20 -5.28
N ALA C 200 -14.23 7.90 -6.11
CA ALA C 200 -15.35 7.09 -5.64
C ALA C 200 -14.86 5.67 -5.29
N LYS C 201 -14.04 5.09 -6.18
CA LYS C 201 -13.42 3.79 -5.93
C LYS C 201 -12.60 3.82 -4.65
N GLY C 202 -11.82 4.90 -4.44
CA GLY C 202 -11.06 5.04 -3.21
C GLY C 202 -11.97 4.99 -1.98
N ALA C 203 -13.09 5.74 -2.03
CA ALA C 203 -14.12 5.70 -0.97
C ALA C 203 -14.63 4.27 -0.75
N LEU C 204 -14.85 3.53 -1.84
CA LEU C 204 -15.33 2.17 -1.83
C LEU C 204 -14.32 1.24 -1.10
N GLU C 205 -13.04 1.42 -1.40
CA GLU C 205 -12.02 0.66 -0.69
C GLU C 205 -12.06 1.00 0.79
N GLY C 206 -12.33 2.28 1.08
CA GLY C 206 -12.49 2.71 2.46
C GLY C 206 -13.63 1.99 3.17
N LEU C 207 -14.76 1.93 2.47
CA LEU C 207 -15.97 1.24 2.94
C LEU C 207 -15.68 -0.23 3.22
N THR C 208 -14.89 -0.88 2.35
CA THR C 208 -14.56 -2.29 2.55
C THR C 208 -13.86 -2.54 3.90
N ARG C 209 -12.83 -1.72 4.21
CA ARG C 209 -12.05 -1.88 5.41
C ARG C 209 -12.90 -1.51 6.63
N SER C 210 -13.71 -0.44 6.52
CA SER C 210 -14.48 0.05 7.64
C SER C 210 -15.64 -0.90 7.97
N ALA C 211 -16.23 -1.51 6.93
CA ALA C 211 -17.38 -2.40 7.09
C ALA C 211 -16.92 -3.79 7.52
N ALA C 212 -15.76 -4.23 7.02
CA ALA C 212 -15.18 -5.49 7.52
C ALA C 212 -14.95 -5.44 9.01
N LEU C 213 -14.31 -4.37 9.47
CA LEU C 213 -14.02 -4.23 10.88
C LEU C 213 -15.33 -4.21 11.69
N GLU C 214 -16.32 -3.44 11.22
CA GLU C 214 -17.46 -3.13 12.07
C GLU C 214 -18.50 -4.26 12.04
N LEU C 215 -18.57 -5.01 10.95
CA LEU C 215 -19.54 -6.10 10.81
C LEU C 215 -18.96 -7.46 11.20
N ALA C 216 -17.65 -7.50 11.50
CA ALA C 216 -17.04 -8.75 11.91
C ALA C 216 -17.86 -9.41 13.01
N PRO C 217 -18.31 -8.70 14.09
CA PRO C 217 -19.09 -9.34 15.16
C PRO C 217 -20.35 -10.09 14.69
N LEU C 218 -20.91 -9.73 13.52
CA LEU C 218 -22.06 -10.45 12.98
C LEU C 218 -21.61 -11.47 11.94
N GLN C 219 -20.30 -11.76 11.95
CA GLN C 219 -19.63 -12.65 11.01
C GLN C 219 -19.93 -12.30 9.55
N ILE C 220 -20.07 -10.99 9.27
CA ILE C 220 -20.28 -10.58 7.89
C ILE C 220 -18.92 -10.15 7.36
N ARG C 221 -18.46 -10.87 6.31
CA ARG C 221 -17.18 -10.59 5.67
C ARG C 221 -17.39 -9.55 4.59
N VAL C 222 -16.37 -8.67 4.45
CA VAL C 222 -16.46 -7.61 3.47
C VAL C 222 -15.09 -7.53 2.80
N ASN C 223 -15.12 -7.80 1.49
CA ASN C 223 -13.94 -7.87 0.66
C ASN C 223 -14.19 -7.12 -0.65
N GLY C 224 -13.08 -6.82 -1.33
CA GLY C 224 -13.10 -6.16 -2.63
C GLY C 224 -12.46 -7.04 -3.71
N VAL C 225 -12.94 -6.88 -4.94
CA VAL C 225 -12.31 -7.48 -6.09
C VAL C 225 -12.03 -6.34 -7.07
N GLY C 226 -10.77 -6.23 -7.54
CA GLY C 226 -10.51 -5.11 -8.43
C GLY C 226 -9.97 -5.57 -9.78
N PRO C 227 -10.79 -5.53 -10.85
CA PRO C 227 -10.28 -5.86 -12.19
C PRO C 227 -9.33 -4.74 -12.64
N GLY C 228 -8.50 -5.05 -13.62
CA GLY C 228 -7.72 -4.02 -14.27
C GLY C 228 -8.37 -3.59 -15.59
N LEU C 229 -8.14 -4.37 -16.65
CA LEU C 229 -8.90 -4.25 -17.90
C LEU C 229 -9.72 -5.53 -18.08
N SER C 230 -11.06 -5.41 -18.25
CA SER C 230 -11.94 -6.54 -18.46
C SER C 230 -12.94 -6.27 -19.60
N VAL C 231 -13.10 -7.30 -20.42
CA VAL C 231 -14.04 -7.37 -21.52
C VAL C 231 -14.10 -6.02 -22.23
N LEU C 232 -12.97 -5.54 -22.75
CA LEU C 232 -12.90 -4.29 -23.51
C LEU C 232 -13.75 -4.34 -24.78
N VAL C 233 -14.30 -3.18 -25.20
CA VAL C 233 -15.39 -3.13 -26.18
C VAL C 233 -14.95 -3.85 -27.46
N PRO C 238 -11.10 -1.05 -31.73
CA PRO C 238 -10.47 -2.28 -32.26
C PRO C 238 -8.98 -2.04 -32.50
N ALA C 239 -8.71 -0.98 -33.28
CA ALA C 239 -7.41 -0.33 -33.36
C ALA C 239 -6.93 0.11 -31.97
N VAL C 240 -7.86 0.42 -31.04
CA VAL C 240 -7.46 0.88 -29.71
C VAL C 240 -7.54 -0.23 -28.65
N TRP C 241 -8.59 -1.08 -28.77
CA TRP C 241 -8.66 -2.36 -28.05
C TRP C 241 -7.30 -3.06 -28.14
N GLU C 242 -6.78 -3.24 -29.38
CA GLU C 242 -5.53 -3.94 -29.61
C GLU C 242 -4.41 -3.30 -28.79
N GLY C 243 -4.40 -1.96 -28.76
CA GLY C 243 -3.34 -1.22 -28.10
C GLY C 243 -3.43 -1.37 -26.59
N HIS C 244 -4.67 -1.38 -26.04
CA HIS C 244 -4.75 -1.50 -24.60
C HIS C 244 -4.38 -2.92 -24.19
N ARG C 245 -4.81 -3.88 -25.03
CA ARG C 245 -4.66 -5.31 -24.81
C ARG C 245 -3.20 -5.63 -24.52
N SER C 246 -2.33 -5.08 -25.37
CA SER C 246 -0.90 -5.36 -25.43
C SER C 246 -0.15 -4.87 -24.18
N LYS C 247 -0.79 -4.06 -23.32
CA LYS C 247 -0.13 -3.53 -22.12
C LYS C 247 -0.04 -4.58 -21.00
N VAL C 248 -0.96 -5.55 -21.00
CA VAL C 248 -1.07 -6.46 -19.85
C VAL C 248 0.03 -7.51 -19.87
N PRO C 249 0.89 -7.56 -18.84
CA PRO C 249 2.00 -8.51 -18.84
C PRO C 249 1.44 -9.92 -19.08
N LEU C 250 0.33 -10.27 -18.38
CA LEU C 250 -0.14 -11.66 -18.45
C LEU C 250 -1.09 -11.78 -19.61
N TYR C 251 -0.64 -12.51 -20.65
CA TYR C 251 -1.43 -12.90 -21.79
C TYR C 251 -1.59 -11.74 -22.77
N GLN C 252 -1.21 -10.52 -22.34
CA GLN C 252 -1.37 -9.36 -23.22
C GLN C 252 -2.82 -9.29 -23.71
N ARG C 253 -3.78 -9.42 -22.81
CA ARG C 253 -5.18 -9.23 -23.17
C ARG C 253 -5.94 -8.71 -21.93
N ASP C 254 -7.11 -8.11 -22.16
CA ASP C 254 -8.06 -7.87 -21.09
C ASP C 254 -8.60 -9.24 -20.68
N SER C 255 -9.16 -9.30 -19.46
CA SER C 255 -9.72 -10.53 -18.91
C SER C 255 -11.08 -10.85 -19.53
N SER C 256 -11.47 -12.12 -19.44
CA SER C 256 -12.87 -12.43 -19.65
C SER C 256 -13.69 -12.05 -18.40
N ALA C 257 -15.02 -11.97 -18.57
CA ALA C 257 -15.94 -11.75 -17.46
C ALA C 257 -15.73 -12.81 -16.39
N ALA C 258 -15.48 -14.07 -16.81
CA ALA C 258 -15.44 -15.19 -15.86
C ALA C 258 -14.13 -15.20 -15.06
N GLU C 259 -13.08 -14.66 -15.65
CA GLU C 259 -11.83 -14.50 -14.90
C GLU C 259 -11.99 -13.57 -13.69
N VAL C 260 -12.94 -12.66 -13.74
CA VAL C 260 -13.23 -11.81 -12.58
C VAL C 260 -14.24 -12.50 -11.68
N SER C 261 -15.38 -12.90 -12.28
CA SER C 261 -16.47 -13.44 -11.45
C SER C 261 -16.07 -14.70 -10.67
N ASP C 262 -15.23 -15.58 -11.23
CA ASP C 262 -14.70 -16.71 -10.45
C ASP C 262 -14.05 -16.32 -9.13
N VAL C 263 -13.50 -15.12 -9.05
CA VAL C 263 -12.81 -14.66 -7.86
C VAL C 263 -13.85 -14.19 -6.82
N VAL C 264 -14.82 -13.37 -7.26
CA VAL C 264 -16.01 -12.99 -6.53
C VAL C 264 -16.65 -14.25 -5.93
N ILE C 265 -16.82 -15.31 -6.76
CA ILE C 265 -17.48 -16.54 -6.34
C ILE C 265 -16.67 -17.23 -5.22
N PHE C 266 -15.36 -17.41 -5.45
CA PHE C 266 -14.49 -17.94 -4.41
C PHE C 266 -14.66 -17.13 -3.13
N LEU C 267 -14.62 -15.79 -3.24
CA LEU C 267 -14.62 -15.03 -2.01
C LEU C 267 -15.92 -15.18 -1.23
N CYS C 268 -17.01 -15.45 -1.94
CA CYS C 268 -18.29 -15.64 -1.24
C CYS C 268 -18.40 -17.05 -0.66
N SER C 269 -17.51 -17.98 -1.05
CA SER C 269 -17.56 -19.37 -0.62
C SER C 269 -17.07 -19.55 0.81
N SER C 270 -17.47 -20.67 1.41
CA SER C 270 -17.11 -21.03 2.77
C SER C 270 -15.61 -21.33 2.85
N LYS C 271 -14.97 -21.61 1.71
CA LYS C 271 -13.51 -21.72 1.66
C LYS C 271 -12.85 -20.43 2.11
N ALA C 272 -13.50 -19.29 1.85
CA ALA C 272 -12.87 -18.01 2.08
C ALA C 272 -13.30 -17.41 3.42
N LYS C 273 -13.80 -18.24 4.33
CA LYS C 273 -14.49 -17.73 5.52
C LYS C 273 -13.57 -17.00 6.49
N TYR C 274 -12.21 -17.06 6.29
CA TYR C 274 -11.33 -16.30 7.17
C TYR C 274 -10.83 -14.98 6.54
N ILE C 275 -11.31 -14.69 5.32
CA ILE C 275 -10.90 -13.49 4.64
C ILE C 275 -11.95 -12.43 4.91
N THR C 276 -11.46 -11.28 5.44
CA THR C 276 -12.31 -10.10 5.39
C THR C 276 -11.42 -8.85 5.36
N GLY C 277 -11.97 -7.74 4.88
CA GLY C 277 -11.28 -6.48 4.97
C GLY C 277 -10.22 -6.40 3.88
N THR C 278 -10.31 -7.28 2.87
CA THR C 278 -9.15 -7.38 1.97
C THR C 278 -9.65 -7.17 0.54
N CYS C 279 -8.76 -6.74 -0.34
CA CYS C 279 -9.11 -6.54 -1.74
CA CYS C 279 -9.09 -6.51 -1.74
C CYS C 279 -8.20 -7.43 -2.58
N VAL C 280 -8.75 -8.07 -3.63
CA VAL C 280 -8.00 -8.99 -4.49
C VAL C 280 -7.93 -8.39 -5.90
N LYS C 281 -6.72 -8.09 -6.41
CA LYS C 281 -6.60 -7.59 -7.80
C LYS C 281 -6.67 -8.72 -8.80
N VAL C 282 -7.41 -8.52 -9.86
CA VAL C 282 -7.47 -9.52 -10.92
C VAL C 282 -7.20 -8.75 -12.19
N ASP C 283 -5.90 -8.50 -12.42
CA ASP C 283 -5.43 -7.48 -13.32
C ASP C 283 -4.35 -7.93 -14.32
N GLY C 284 -3.98 -9.22 -14.30
CA GLY C 284 -3.00 -9.72 -15.24
C GLY C 284 -1.60 -9.13 -15.02
N GLY C 285 -1.37 -8.54 -13.82
CA GLY C 285 -0.13 -7.81 -13.55
C GLY C 285 -0.10 -6.37 -14.13
N TYR C 286 -1.23 -5.85 -14.60
CA TYR C 286 -1.32 -4.47 -15.10
C TYR C 286 -0.87 -3.43 -14.04
N SER C 287 -1.26 -3.53 -12.77
CA SER C 287 -0.77 -2.61 -11.74
C SER C 287 0.76 -2.58 -11.57
N LEU C 288 1.49 -3.60 -12.08
CA LEU C 288 2.94 -3.71 -11.90
C LEU C 288 3.71 -2.87 -12.90
N THR C 289 3.01 -2.39 -13.92
CA THR C 289 3.61 -1.70 -15.03
C THR C 289 3.76 -0.21 -14.71
N ARG C 290 4.63 0.46 -15.48
CA ARG C 290 4.98 1.86 -15.35
C ARG C 290 5.01 2.43 -16.77
N ALA C 291 4.87 3.75 -16.92
CA ALA C 291 5.03 4.35 -18.25
C ALA C 291 6.46 4.12 -18.77
N THR D 8 4.57 40.11 -6.43
CA THR D 8 3.81 40.11 -5.13
C THR D 8 4.33 39.00 -4.22
N VAL D 9 3.82 38.99 -2.98
CA VAL D 9 4.07 37.90 -2.05
C VAL D 9 3.16 36.76 -2.51
N PRO D 10 3.52 35.47 -2.30
CA PRO D 10 2.62 34.37 -2.69
C PRO D 10 1.43 34.29 -1.73
N VAL D 11 0.33 33.69 -2.20
CA VAL D 11 -0.89 33.52 -1.41
C VAL D 11 -1.23 32.05 -1.18
N ALA D 12 -1.64 31.75 0.07
CA ALA D 12 -2.19 30.46 0.47
C ALA D 12 -3.65 30.58 0.94
N LEU D 13 -4.52 29.71 0.39
CA LEU D 13 -5.87 29.42 0.86
C LEU D 13 -5.84 28.20 1.81
N VAL D 14 -6.18 28.39 3.10
CA VAL D 14 -6.25 27.30 4.06
C VAL D 14 -7.71 27.15 4.48
N THR D 15 -8.31 25.98 4.25
CA THR D 15 -9.70 25.79 4.68
C THR D 15 -9.73 25.39 6.14
N GLY D 16 -10.77 25.83 6.84
CA GLY D 16 -10.88 25.49 8.25
C GLY D 16 -9.68 26.05 9.01
N ALA D 17 -9.33 27.31 8.71
CA ALA D 17 -8.11 27.88 9.24
C ALA D 17 -8.27 28.54 10.61
N ALA D 18 -9.45 28.43 11.27
CA ALA D 18 -9.66 29.24 12.48
C ALA D 18 -8.93 28.76 13.73
N LYS D 19 -8.87 27.44 13.92
CA LYS D 19 -8.35 26.83 15.14
C LYS D 19 -7.37 25.72 14.77
N ARG D 20 -6.64 25.24 15.80
CA ARG D 20 -5.97 23.94 15.81
C ARG D 20 -5.02 23.81 14.61
N LEU D 21 -5.07 22.70 13.87
CA LEU D 21 -4.08 22.44 12.84
C LEU D 21 -4.14 23.53 11.76
N GLY D 22 -5.37 23.90 11.37
CA GLY D 22 -5.63 24.79 10.23
C GLY D 22 -5.12 26.21 10.51
N ARG D 23 -5.17 26.59 11.79
CA ARG D 23 -4.60 27.84 12.27
C ARG D 23 -3.06 27.76 12.28
N SER D 24 -2.52 26.61 12.73
CA SER D 24 -1.09 26.41 12.82
C SER D 24 -0.46 26.41 11.43
N ILE D 25 -1.24 25.95 10.46
CA ILE D 25 -0.77 25.91 9.09
C ILE D 25 -0.69 27.33 8.55
N ALA D 26 -1.81 28.06 8.66
CA ALA D 26 -1.96 29.47 8.33
C ALA D 26 -0.80 30.29 8.88
N GLU D 27 -0.55 30.12 10.17
CA GLU D 27 0.52 30.79 10.89
C GLU D 27 1.87 30.42 10.29
N GLY D 28 2.06 29.12 10.05
CA GLY D 28 3.29 28.61 9.51
C GLY D 28 3.62 29.24 8.15
N LEU D 29 2.67 29.21 7.20
CA LEU D 29 2.87 29.76 5.87
C LEU D 29 3.09 31.29 5.93
N HIS D 30 2.31 31.99 6.75
CA HIS D 30 2.47 33.42 7.04
C HIS D 30 3.89 33.77 7.50
N ALA D 31 4.39 33.07 8.53
CA ALA D 31 5.73 33.27 9.03
C ALA D 31 6.76 33.04 7.92
N GLU D 32 6.35 32.38 6.82
CA GLU D 32 7.26 32.06 5.72
C GLU D 32 7.19 33.14 4.65
N GLY D 33 6.22 34.05 4.78
CA GLY D 33 6.15 35.15 3.83
C GLY D 33 4.87 35.11 3.00
N TYR D 34 3.98 34.13 3.25
CA TYR D 34 2.72 34.05 2.51
C TYR D 34 1.73 35.08 3.07
N ALA D 35 0.89 35.63 2.18
CA ALA D 35 -0.41 36.17 2.55
C ALA D 35 -1.44 35.04 2.50
N VAL D 36 -2.35 35.02 3.49
CA VAL D 36 -3.13 33.81 3.73
C VAL D 36 -4.61 34.15 3.70
N CYS D 37 -5.35 33.41 2.89
CA CYS D 37 -6.79 33.49 2.93
C CYS D 37 -7.30 32.46 3.95
N LEU D 38 -7.91 32.96 5.04
CA LEU D 38 -8.36 32.13 6.11
C LEU D 38 -9.82 31.78 5.91
N HIS D 39 -10.13 30.56 5.38
CA HIS D 39 -11.50 30.04 5.34
C HIS D 39 -11.97 29.54 6.71
N TYR D 40 -13.26 29.75 6.98
CA TYR D 40 -13.96 29.30 8.18
C TYR D 40 -15.41 29.01 7.78
N HIS D 41 -16.08 28.26 8.67
CA HIS D 41 -17.51 28.00 8.60
C HIS D 41 -18.21 28.61 9.82
N ARG D 42 -17.98 28.04 11.00
CA ARG D 42 -18.73 28.55 12.13
C ARG D 42 -17.86 29.42 13.02
N SER D 43 -16.52 29.36 12.85
CA SER D 43 -15.63 30.02 13.80
C SER D 43 -15.22 31.42 13.34
N ALA D 44 -16.22 32.26 13.12
CA ALA D 44 -16.00 33.66 12.76
C ALA D 44 -15.04 34.37 13.73
N ALA D 45 -15.41 34.40 15.00
CA ALA D 45 -14.65 35.13 16.01
C ALA D 45 -13.15 34.74 15.99
N GLU D 46 -12.84 33.43 16.06
CA GLU D 46 -11.46 32.95 16.04
C GLU D 46 -10.74 33.33 14.73
N ALA D 47 -11.40 33.09 13.59
CA ALA D 47 -10.83 33.42 12.29
C ALA D 47 -10.42 34.91 12.22
N ASN D 48 -11.27 35.79 12.75
CA ASN D 48 -11.07 37.22 12.59
C ASN D 48 -10.00 37.68 13.56
N ALA D 49 -9.89 37.00 14.71
CA ALA D 49 -8.83 37.37 15.64
C ALA D 49 -7.50 37.01 15.01
N LEU D 50 -7.46 35.83 14.32
CA LEU D 50 -6.24 35.35 13.69
C LEU D 50 -5.71 36.35 12.66
N SER D 51 -6.54 36.63 11.63
CA SER D 51 -6.41 37.69 10.65
C SER D 51 -5.93 39.02 11.29
N ALA D 52 -6.51 39.46 12.42
CA ALA D 52 -6.09 40.72 13.03
C ALA D 52 -4.62 40.64 13.47
N THR D 53 -4.30 39.61 14.27
CA THR D 53 -2.92 39.29 14.64
C THR D 53 -2.02 39.23 13.41
N LEU D 54 -2.49 38.59 12.33
CA LEU D 54 -1.72 38.42 11.10
C LEU D 54 -1.48 39.75 10.40
N ASN D 55 -2.52 40.58 10.25
CA ASN D 55 -2.36 41.87 9.59
C ASN D 55 -1.63 42.90 10.44
N ALA D 56 -1.72 42.76 11.77
CA ALA D 56 -0.96 43.57 12.72
C ALA D 56 0.53 43.30 12.53
N ARG D 57 0.83 42.11 11.99
CA ARG D 57 2.20 41.66 11.83
C ARG D 57 2.79 42.17 10.51
N ARG D 58 2.02 42.03 9.42
CA ARG D 58 2.34 42.60 8.13
C ARG D 58 1.01 43.04 7.49
N PRO D 59 0.79 44.34 7.21
CA PRO D 59 -0.50 44.77 6.65
C PRO D 59 -0.74 43.99 5.39
N ASN D 60 -2.03 43.87 5.01
CA ASN D 60 -2.46 43.29 3.75
C ASN D 60 -2.05 41.82 3.57
N SER D 61 -1.87 41.09 4.67
CA SER D 61 -1.33 39.74 4.58
C SER D 61 -2.36 38.66 4.94
N ALA D 62 -3.51 39.02 5.57
CA ALA D 62 -4.56 38.04 5.88
C ALA D 62 -5.98 38.55 5.57
N ILE D 63 -6.85 37.64 5.10
CA ILE D 63 -8.27 37.97 5.03
C ILE D 63 -9.07 36.75 5.50
N THR D 64 -10.39 36.91 5.64
CA THR D 64 -11.23 35.82 6.08
C THR D 64 -12.38 35.60 5.11
N VAL D 65 -12.70 34.33 4.85
CA VAL D 65 -13.89 34.03 4.04
C VAL D 65 -14.67 32.88 4.69
N GLN D 66 -16.00 32.99 4.64
CA GLN D 66 -16.86 31.99 5.25
C GLN D 66 -17.49 31.15 4.15
N ALA D 67 -17.60 29.83 4.39
CA ALA D 67 -18.33 29.01 3.41
C ALA D 67 -18.58 27.62 3.98
N ASP D 68 -19.80 27.12 3.74
CA ASP D 68 -20.19 25.79 4.19
C ASP D 68 -19.69 24.89 3.08
N LEU D 69 -18.86 23.90 3.47
CA LEU D 69 -18.21 23.03 2.50
C LEU D 69 -18.92 21.67 2.48
N SER D 70 -20.05 21.60 3.19
CA SER D 70 -21.03 20.54 3.06
C SER D 70 -21.58 20.59 1.64
N ASN D 71 -21.93 19.41 1.11
CA ASN D 71 -22.38 19.30 -0.25
C ASN D 71 -23.87 19.65 -0.25
N VAL D 72 -24.21 20.91 0.04
CA VAL D 72 -25.61 21.33 0.05
C VAL D 72 -25.76 22.65 -0.70
N ALA D 73 -26.87 22.78 -1.43
CA ALA D 73 -27.21 23.99 -2.15
C ALA D 73 -27.64 25.01 -1.09
N THR D 74 -26.88 26.12 -0.90
CA THR D 74 -27.15 27.13 0.14
C THR D 74 -28.05 28.24 -0.43
N ALA D 75 -28.41 29.21 0.41
CA ALA D 75 -29.42 30.21 0.04
C ALA D 75 -28.80 31.31 -0.84
N PRO D 76 -29.51 31.86 -1.87
CA PRO D 76 -29.02 33.03 -2.59
C PRO D 76 -28.91 34.24 -1.66
N PRO D 85 -30.71 28.76 -5.67
CA PRO D 85 -29.89 28.33 -4.51
C PRO D 85 -28.41 28.19 -4.88
N VAL D 86 -27.51 28.45 -3.90
CA VAL D 86 -26.08 28.46 -4.16
C VAL D 86 -25.50 27.09 -3.86
N THR D 87 -24.93 26.42 -4.89
CA THR D 87 -24.37 25.08 -4.75
C THR D 87 -22.94 25.14 -4.22
N LEU D 88 -22.38 23.97 -3.87
CA LEU D 88 -21.02 23.82 -3.35
C LEU D 88 -20.00 24.17 -4.42
N PHE D 89 -20.23 23.80 -5.67
CA PHE D 89 -19.28 24.22 -6.68
C PHE D 89 -19.05 25.71 -6.57
N THR D 90 -20.18 26.45 -6.59
CA THR D 90 -20.13 27.89 -6.68
C THR D 90 -19.42 28.39 -5.44
N ARG D 91 -19.87 27.93 -4.29
CA ARG D 91 -19.18 28.40 -3.09
C ARG D 91 -17.65 28.23 -3.18
N CYS D 92 -17.15 27.12 -3.76
CA CYS D 92 -15.72 26.79 -3.68
C CYS D 92 -14.92 27.68 -4.65
N ALA D 93 -15.40 27.81 -5.89
CA ALA D 93 -14.84 28.67 -6.93
C ALA D 93 -14.67 30.10 -6.43
N GLU D 94 -15.72 30.62 -5.77
CA GLU D 94 -15.77 31.95 -5.20
C GLU D 94 -14.66 32.10 -4.17
N LEU D 95 -14.39 31.00 -3.44
CA LEU D 95 -13.41 30.98 -2.37
C LEU D 95 -12.01 31.23 -2.95
N VAL D 96 -11.78 30.68 -4.15
CA VAL D 96 -10.51 30.80 -4.84
C VAL D 96 -10.44 32.19 -5.48
N ALA D 97 -11.59 32.66 -5.99
CA ALA D 97 -11.73 34.00 -6.56
C ALA D 97 -11.48 35.07 -5.51
N ALA D 98 -11.85 34.84 -4.24
CA ALA D 98 -11.50 35.79 -3.18
C ALA D 98 -9.99 36.05 -3.08
N CYS D 99 -9.16 35.01 -3.35
CA CYS D 99 -7.72 35.20 -3.35
C CYS D 99 -7.30 36.10 -4.52
N TYR D 100 -7.83 35.79 -5.70
CA TYR D 100 -7.42 36.48 -6.92
C TYR D 100 -7.93 37.91 -6.89
N THR D 101 -9.04 38.12 -6.22
CA THR D 101 -9.70 39.41 -6.16
C THR D 101 -8.89 40.34 -5.25
N HIS D 102 -8.50 39.82 -4.08
CA HIS D 102 -7.74 40.61 -3.13
C HIS D 102 -6.26 40.70 -3.47
N TRP D 103 -5.65 39.63 -4.00
CA TRP D 103 -4.21 39.67 -4.19
C TRP D 103 -3.79 39.33 -5.62
N GLY D 104 -4.75 39.00 -6.49
CA GLY D 104 -4.42 38.67 -7.88
C GLY D 104 -3.71 37.31 -8.08
N ARG D 105 -3.54 36.52 -7.02
CA ARG D 105 -2.84 35.21 -7.21
C ARG D 105 -3.17 34.22 -6.08
N CYS D 106 -3.16 32.92 -6.41
CA CYS D 106 -3.35 31.87 -5.42
C CYS D 106 -2.35 30.75 -5.71
N ASP D 107 -1.34 30.64 -4.84
CA ASP D 107 -0.20 29.76 -5.09
C ASP D 107 -0.35 28.39 -4.39
N VAL D 108 -1.04 28.35 -3.23
CA VAL D 108 -1.09 27.20 -2.33
C VAL D 108 -2.54 27.04 -1.83
N LEU D 109 -3.03 25.80 -1.89
CA LEU D 109 -4.32 25.39 -1.33
C LEU D 109 -4.03 24.24 -0.34
N VAL D 110 -4.47 24.42 0.91
CA VAL D 110 -4.43 23.38 1.93
C VAL D 110 -5.88 23.03 2.19
N ASN D 111 -6.27 21.79 1.83
CA ASN D 111 -7.60 21.27 2.07
C ASN D 111 -7.59 20.67 3.46
N ASN D 112 -7.86 21.52 4.45
CA ASN D 112 -7.80 21.15 5.85
C ASN D 112 -9.18 20.90 6.44
N ALA D 113 -10.19 21.67 5.98
CA ALA D 113 -11.51 21.70 6.62
C ALA D 113 -12.12 20.30 6.63
N SER D 114 -12.68 19.90 7.78
CA SER D 114 -13.04 18.49 7.89
C SER D 114 -14.04 18.23 9.02
N SER D 115 -15.23 17.72 8.67
CA SER D 115 -16.13 17.24 9.71
C SER D 115 -15.80 15.79 10.03
N PHE D 116 -16.01 15.42 11.29
CA PHE D 116 -15.56 14.18 11.88
C PHE D 116 -16.56 13.80 12.94
N TYR D 117 -17.44 12.84 12.61
CA TYR D 117 -18.25 12.20 13.64
C TYR D 117 -18.76 10.83 13.17
N PRO D 118 -19.21 9.99 14.13
CA PRO D 118 -19.53 8.61 13.78
C PRO D 118 -20.73 8.57 12.84
N THR D 119 -20.67 7.61 11.92
CA THR D 119 -21.85 7.16 11.22
C THR D 119 -21.92 5.63 11.35
N PRO D 120 -22.44 5.11 12.50
CA PRO D 120 -22.30 3.69 12.83
C PRO D 120 -23.12 2.87 11.84
N LEU D 121 -22.64 1.66 11.53
CA LEU D 121 -23.42 0.73 10.70
C LEU D 121 -24.41 -0.02 11.61
N LEU D 122 -24.06 -0.22 12.87
CA LEU D 122 -24.98 -0.76 13.89
C LEU D 122 -25.11 0.23 15.05
N ARG D 123 -26.35 0.71 15.31
CA ARG D 123 -26.63 1.64 16.41
C ARG D 123 -27.23 0.89 17.60
N ALA D 138 -30.65 13.38 7.87
CA ALA D 138 -30.30 12.51 9.01
C ALA D 138 -29.01 11.75 8.70
N MET D 139 -29.15 10.67 7.93
CA MET D 139 -28.04 10.11 7.18
C MET D 139 -27.74 11.07 6.01
N GLU D 140 -28.79 11.64 5.43
CA GLU D 140 -28.73 12.63 4.36
C GLU D 140 -27.74 13.75 4.70
N THR D 141 -27.92 14.39 5.87
CA THR D 141 -27.00 15.47 6.25
C THR D 141 -25.60 14.98 6.59
N ALA D 142 -25.47 13.81 7.24
CA ALA D 142 -24.13 13.31 7.56
C ALA D 142 -23.32 13.11 6.28
N THR D 143 -23.96 12.56 5.25
CA THR D 143 -23.34 12.19 3.99
C THR D 143 -22.90 13.44 3.25
N ALA D 144 -23.77 14.46 3.20
CA ALA D 144 -23.44 15.66 2.46
C ALA D 144 -22.33 16.42 3.20
N ASP D 145 -22.30 16.31 4.52
CA ASP D 145 -21.40 17.13 5.34
C ASP D 145 -20.04 16.43 5.40
N LEU D 146 -20.03 15.14 5.70
CA LEU D 146 -18.78 14.41 5.85
C LEU D 146 -18.11 14.22 4.50
N PHE D 147 -18.86 13.95 3.43
CA PHE D 147 -18.23 13.81 2.11
C PHE D 147 -17.92 15.17 1.49
N GLY D 148 -18.74 16.19 1.79
CA GLY D 148 -18.42 17.49 1.22
C GLY D 148 -17.14 18.08 1.80
N SER D 149 -17.01 18.13 3.12
CA SER D 149 -15.89 18.81 3.74
C SER D 149 -14.59 18.09 3.40
N ASN D 150 -14.69 16.76 3.47
CA ASN D 150 -13.53 15.90 3.37
C ASN D 150 -13.16 15.60 1.91
N ALA D 151 -14.10 15.67 0.95
CA ALA D 151 -13.86 15.06 -0.37
C ALA D 151 -14.37 15.86 -1.56
N ILE D 152 -15.65 16.22 -1.58
CA ILE D 152 -16.29 16.87 -2.73
C ILE D 152 -15.89 18.35 -2.82
N ALA D 153 -15.82 19.07 -1.68
CA ALA D 153 -15.33 20.46 -1.68
C ALA D 153 -13.86 20.51 -2.10
N PRO D 154 -12.97 19.66 -1.53
CA PRO D 154 -11.59 19.60 -1.99
C PRO D 154 -11.43 19.48 -3.52
N TYR D 155 -12.26 18.65 -4.18
CA TYR D 155 -12.17 18.49 -5.63
C TYR D 155 -12.55 19.78 -6.36
N PHE D 156 -13.69 20.39 -5.99
CA PHE D 156 -14.13 21.61 -6.67
C PHE D 156 -13.08 22.68 -6.37
N LEU D 157 -12.58 22.72 -5.14
CA LEU D 157 -11.55 23.71 -4.78
C LEU D 157 -10.30 23.52 -5.65
N ILE D 158 -9.83 22.26 -5.78
CA ILE D 158 -8.69 21.92 -6.63
C ILE D 158 -9.00 22.34 -8.07
N LYS D 159 -10.21 22.06 -8.56
CA LYS D 159 -10.52 22.38 -9.95
C LYS D 159 -10.56 23.89 -10.22
N ALA D 160 -11.07 24.66 -9.23
CA ALA D 160 -11.12 26.12 -9.32
C ALA D 160 -9.69 26.66 -9.38
N PHE D 161 -8.81 26.10 -8.51
CA PHE D 161 -7.41 26.51 -8.43
C PHE D 161 -6.79 26.27 -9.80
N ALA D 162 -6.93 25.06 -10.31
CA ALA D 162 -6.28 24.70 -11.58
C ALA D 162 -6.77 25.55 -12.77
N HIS D 163 -8.06 25.86 -12.83
CA HIS D 163 -8.65 26.73 -13.85
C HIS D 163 -8.10 28.17 -13.86
N ARG D 164 -7.86 28.74 -12.66
CA ARG D 164 -7.31 30.07 -12.46
C ARG D 164 -5.84 30.08 -12.85
N VAL D 165 -5.12 28.97 -12.58
CA VAL D 165 -3.72 28.85 -13.00
C VAL D 165 -3.66 28.71 -14.53
N ALA D 166 -4.39 27.73 -15.07
CA ALA D 166 -4.50 27.48 -16.50
C ALA D 166 -4.73 28.79 -17.26
N GLY D 167 -5.73 29.56 -16.84
CA GLY D 167 -6.08 30.79 -17.54
C GLY D 167 -5.07 31.94 -17.42
N THR D 168 -4.11 31.86 -16.49
CA THR D 168 -2.97 32.76 -16.41
C THR D 168 -1.99 32.48 -17.54
N PRO D 169 -1.73 33.45 -18.45
CA PRO D 169 -0.56 33.43 -19.34
C PRO D 169 0.77 32.93 -18.76
N ALA D 170 1.40 32.04 -19.54
CA ALA D 170 2.55 31.30 -19.07
C ALA D 170 3.51 32.23 -18.36
N LYS D 171 3.65 33.44 -18.92
CA LYS D 171 4.68 34.40 -18.55
C LYS D 171 4.46 34.86 -17.12
N HIS D 172 3.20 34.86 -16.69
CA HIS D 172 2.85 35.48 -15.43
C HIS D 172 2.44 34.43 -14.37
N ARG D 173 2.68 33.14 -14.64
CA ARG D 173 2.30 32.08 -13.70
C ARG D 173 3.30 32.06 -12.55
N GLY D 174 2.83 31.82 -11.31
CA GLY D 174 3.75 31.68 -10.19
C GLY D 174 4.71 30.53 -10.46
N THR D 175 5.72 30.33 -9.60
CA THR D 175 6.72 29.32 -9.87
C THR D 175 6.70 28.21 -8.80
N ASN D 176 5.69 28.19 -7.93
CA ASN D 176 5.64 27.17 -6.89
C ASN D 176 4.20 26.93 -6.45
N TYR D 177 3.42 26.31 -7.35
CA TYR D 177 2.07 25.83 -7.12
C TYR D 177 2.11 24.54 -6.29
N SER D 178 1.35 24.51 -5.17
CA SER D 178 1.37 23.33 -4.31
C SER D 178 0.00 23.18 -3.65
N ILE D 179 -0.64 21.98 -3.76
CA ILE D 179 -1.91 21.65 -3.08
C ILE D 179 -1.65 20.56 -2.04
N ILE D 180 -2.03 20.80 -0.78
CA ILE D 180 -1.92 19.83 0.31
C ILE D 180 -3.32 19.39 0.75
N ASN D 181 -3.61 18.09 0.63
CA ASN D 181 -4.83 17.49 1.18
C ASN D 181 -4.53 17.02 2.60
N MET D 182 -5.35 17.40 3.57
CA MET D 182 -5.16 16.83 4.89
C MET D 182 -5.90 15.47 4.99
N VAL D 183 -5.15 14.35 4.99
CA VAL D 183 -5.75 13.02 4.99
C VAL D 183 -5.53 12.45 6.39
N ASP D 184 -5.65 11.11 6.58
CA ASP D 184 -5.55 10.55 7.92
C ASP D 184 -4.57 9.37 7.87
N ALA D 185 -3.57 9.38 8.77
CA ALA D 185 -2.60 8.29 8.63
C ALA D 185 -3.22 6.91 8.94
N MET D 186 -4.34 6.90 9.70
CA MET D 186 -4.85 5.72 10.39
C MET D 186 -6.07 5.14 9.68
N THR D 187 -6.37 5.57 8.44
CA THR D 187 -7.65 5.22 7.85
C THR D 187 -7.63 3.80 7.27
N ASN D 188 -6.44 3.24 7.04
CA ASN D 188 -6.34 1.83 6.72
C ASN D 188 -6.58 0.93 7.93
N GLN D 189 -6.73 1.54 9.10
CA GLN D 189 -6.96 0.89 10.37
C GLN D 189 -8.16 1.60 10.98
N PRO D 190 -9.36 1.36 10.41
CA PRO D 190 -10.47 2.30 10.56
C PRO D 190 -10.87 2.43 12.01
N LEU D 191 -11.29 3.66 12.37
CA LEU D 191 -11.90 3.94 13.65
C LEU D 191 -13.30 3.36 13.60
N LEU D 192 -13.63 2.50 14.56
CA LEU D 192 -14.91 1.83 14.58
C LEU D 192 -16.02 2.87 14.62
N GLY D 193 -16.98 2.77 13.71
CA GLY D 193 -18.18 3.61 13.72
C GLY D 193 -18.09 4.88 12.85
N TYR D 194 -16.96 5.09 12.17
CA TYR D 194 -16.72 6.31 11.41
C TYR D 194 -16.67 6.03 9.90
N THR D 195 -17.60 5.22 9.39
CA THR D 195 -17.47 4.68 8.04
C THR D 195 -17.42 5.78 6.97
N ILE D 196 -18.36 6.76 7.05
CA ILE D 196 -18.46 7.82 6.06
C ILE D 196 -17.20 8.69 6.07
N TYR D 197 -16.77 9.14 7.24
CA TYR D 197 -15.51 9.86 7.37
C TYR D 197 -14.38 9.06 6.71
N THR D 198 -14.26 7.75 7.04
CA THR D 198 -13.17 6.94 6.50
C THR D 198 -13.27 6.87 4.97
N MET D 199 -14.47 6.68 4.45
CA MET D 199 -14.66 6.67 3.01
C MET D 199 -14.24 8.00 2.39
N ALA D 200 -14.51 9.11 3.11
CA ALA D 200 -14.31 10.41 2.50
C ALA D 200 -12.80 10.68 2.44
N LYS D 201 -12.05 10.28 3.49
CA LYS D 201 -10.60 10.42 3.45
C LYS D 201 -10.01 9.49 2.41
N GLY D 202 -10.70 8.38 2.08
CA GLY D 202 -10.22 7.54 0.98
C GLY D 202 -10.43 8.20 -0.38
N ALA D 203 -11.55 8.86 -0.53
CA ALA D 203 -11.81 9.64 -1.73
C ALA D 203 -10.75 10.74 -1.92
N LEU D 204 -10.39 11.39 -0.84
CA LEU D 204 -9.42 12.48 -0.78
C LEU D 204 -8.04 11.95 -1.14
N GLU D 205 -7.74 10.67 -0.80
CA GLU D 205 -6.47 10.07 -1.27
C GLU D 205 -6.46 9.82 -2.77
N GLY D 206 -7.57 9.34 -3.31
CA GLY D 206 -7.76 9.18 -4.75
C GLY D 206 -7.67 10.55 -5.45
N LEU D 207 -8.18 11.60 -4.80
CA LEU D 207 -8.08 12.94 -5.42
C LEU D 207 -6.60 13.37 -5.47
N THR D 208 -5.85 13.13 -4.38
CA THR D 208 -4.46 13.55 -4.32
C THR D 208 -3.75 13.00 -5.55
N ARG D 209 -3.91 11.70 -5.82
CA ARG D 209 -3.18 11.03 -6.93
C ARG D 209 -3.66 11.51 -8.31
N SER D 210 -4.98 11.49 -8.54
CA SER D 210 -5.53 11.84 -9.84
C SER D 210 -5.24 13.32 -10.18
N ALA D 211 -5.38 14.23 -9.18
CA ALA D 211 -5.05 15.64 -9.41
C ALA D 211 -3.53 15.84 -9.59
N ALA D 212 -2.71 15.15 -8.81
CA ALA D 212 -1.27 15.17 -9.03
C ALA D 212 -0.90 14.76 -10.48
N LEU D 213 -1.52 13.70 -11.02
CA LEU D 213 -1.23 13.25 -12.38
C LEU D 213 -1.67 14.27 -13.39
N GLU D 214 -2.94 14.71 -13.32
CA GLU D 214 -3.57 15.55 -14.31
C GLU D 214 -3.04 16.99 -14.31
N LEU D 215 -2.51 17.50 -13.18
CA LEU D 215 -2.16 18.91 -13.07
C LEU D 215 -0.64 19.06 -13.06
N ALA D 216 0.06 17.93 -13.10
CA ALA D 216 1.51 17.91 -13.29
C ALA D 216 1.94 18.75 -14.51
N PRO D 217 1.32 18.65 -15.71
CA PRO D 217 1.75 19.51 -16.82
C PRO D 217 1.71 21.03 -16.56
N LEU D 218 0.91 21.49 -15.61
CA LEU D 218 0.87 22.89 -15.19
C LEU D 218 1.79 23.11 -14.00
N GLN D 219 2.56 22.09 -13.55
CA GLN D 219 3.49 22.24 -12.44
C GLN D 219 2.78 22.52 -11.11
N ILE D 220 1.56 21.99 -10.94
CA ILE D 220 0.91 22.08 -9.65
C ILE D 220 1.18 20.75 -8.95
N ARG D 221 1.93 20.81 -7.83
CA ARG D 221 2.14 19.62 -7.04
C ARG D 221 0.93 19.44 -6.09
N VAL D 222 0.52 18.17 -5.95
CA VAL D 222 -0.59 17.82 -5.09
C VAL D 222 -0.17 16.71 -4.15
N ASN D 223 -0.25 16.94 -2.83
CA ASN D 223 0.27 15.96 -1.91
C ASN D 223 -0.67 15.84 -0.71
N GLY D 224 -0.47 14.79 0.11
CA GLY D 224 -1.27 14.68 1.33
C GLY D 224 -0.36 14.67 2.54
N VAL D 225 -0.86 15.16 3.67
CA VAL D 225 -0.26 14.96 4.97
C VAL D 225 -1.31 14.26 5.84
N GLY D 226 -0.94 13.12 6.46
CA GLY D 226 -1.83 12.32 7.28
C GLY D 226 -1.46 12.32 8.77
N PRO D 227 -2.15 13.12 9.60
CA PRO D 227 -1.92 13.11 11.05
C PRO D 227 -2.38 11.78 11.66
N GLY D 228 -1.81 11.45 12.81
CA GLY D 228 -2.17 10.29 13.59
C GLY D 228 -3.18 10.68 14.65
N LEU D 229 -2.70 10.88 15.88
CA LEU D 229 -3.41 11.62 16.89
C LEU D 229 -2.70 12.97 17.07
N SER D 230 -3.49 14.05 17.01
CA SER D 230 -2.97 15.42 17.00
C SER D 230 -3.85 16.38 17.81
N VAL D 231 -3.27 17.03 18.82
CA VAL D 231 -3.93 18.08 19.61
C VAL D 231 -5.21 17.52 20.22
N LEU D 232 -5.10 16.38 20.93
CA LEU D 232 -6.27 15.78 21.59
C LEU D 232 -6.80 16.75 22.65
N VAL D 233 -8.13 16.94 22.69
CA VAL D 233 -8.75 18.19 23.14
C VAL D 233 -8.67 18.36 24.67
N VAL D 240 -8.95 9.40 29.97
CA VAL D 240 -9.61 9.12 28.66
C VAL D 240 -8.77 9.68 27.51
N TRP D 241 -7.69 10.39 27.85
CA TRP D 241 -6.81 11.03 26.88
C TRP D 241 -5.41 10.41 26.95
N GLU D 242 -4.92 10.10 28.16
CA GLU D 242 -3.65 9.44 28.42
C GLU D 242 -3.70 8.00 27.91
N GLY D 243 -4.89 7.38 27.95
CA GLY D 243 -5.12 6.08 27.32
C GLY D 243 -4.84 6.12 25.81
N HIS D 244 -5.36 7.14 25.14
CA HIS D 244 -5.28 7.22 23.69
C HIS D 244 -3.86 7.56 23.24
N ARG D 245 -3.23 8.53 23.92
CA ARG D 245 -1.90 9.00 23.52
C ARG D 245 -0.78 8.02 23.90
N SER D 246 -0.95 7.18 24.94
CA SER D 246 0.06 6.18 25.31
C SER D 246 0.25 5.06 24.27
N LYS D 247 -0.68 4.95 23.33
CA LYS D 247 -0.57 4.04 22.19
C LYS D 247 0.44 4.50 21.16
N VAL D 248 0.80 5.78 21.21
CA VAL D 248 1.70 6.32 20.20
C VAL D 248 3.12 5.82 20.53
N PRO D 249 3.76 4.98 19.65
CA PRO D 249 5.13 4.52 19.87
C PRO D 249 6.16 5.62 20.19
N LEU D 250 6.14 6.70 19.40
CA LEU D 250 7.06 7.80 19.50
C LEU D 250 6.50 8.80 20.50
N TYR D 251 7.13 8.84 21.67
CA TYR D 251 6.92 9.81 22.74
C TYR D 251 5.66 9.51 23.57
N GLN D 252 4.88 8.49 23.18
CA GLN D 252 3.63 8.17 23.85
C GLN D 252 2.82 9.45 24.09
N ARG D 253 2.67 10.28 23.04
CA ARG D 253 1.71 11.36 23.08
C ARG D 253 1.22 11.66 21.67
N ASP D 254 0.11 12.38 21.59
CA ASP D 254 -0.36 13.00 20.37
C ASP D 254 0.60 14.12 19.96
N SER D 255 0.57 14.50 18.68
CA SER D 255 1.47 15.52 18.18
C SER D 255 0.97 16.92 18.59
N SER D 256 1.91 17.88 18.66
CA SER D 256 1.52 19.30 18.64
C SER D 256 1.07 19.67 17.23
N ALA D 257 0.42 20.84 17.12
CA ALA D 257 -0.08 21.37 15.86
C ALA D 257 1.08 21.71 14.92
N ALA D 258 2.23 22.10 15.49
CA ALA D 258 3.40 22.45 14.69
C ALA D 258 4.03 21.19 14.11
N GLU D 259 3.98 20.10 14.89
CA GLU D 259 4.62 18.88 14.39
C GLU D 259 3.90 18.42 13.12
N VAL D 260 2.68 18.91 12.87
CA VAL D 260 2.02 18.63 11.61
C VAL D 260 2.24 19.76 10.61
N SER D 261 1.94 21.02 11.00
CA SER D 261 1.99 22.12 10.02
C SER D 261 3.41 22.28 9.46
N ASP D 262 4.45 22.09 10.29
CA ASP D 262 5.80 22.16 9.72
C ASP D 262 5.93 21.26 8.49
N VAL D 263 5.26 20.09 8.50
CA VAL D 263 5.37 19.21 7.35
C VAL D 263 4.67 19.84 6.16
N VAL D 264 3.47 20.39 6.39
CA VAL D 264 2.70 21.04 5.32
C VAL D 264 3.55 22.20 4.75
N ILE D 265 4.20 22.96 5.64
CA ILE D 265 5.07 24.07 5.21
C ILE D 265 6.18 23.54 4.29
N PHE D 266 6.97 22.55 4.74
CA PHE D 266 8.00 21.98 3.87
C PHE D 266 7.49 21.55 2.49
N LEU D 267 6.37 20.80 2.42
CA LEU D 267 5.91 20.29 1.14
C LEU D 267 5.50 21.40 0.19
N CYS D 268 5.09 22.55 0.74
CA CYS D 268 4.78 23.69 -0.12
C CYS D 268 6.05 24.38 -0.59
N SER D 269 7.15 24.20 0.14
CA SER D 269 8.39 24.92 -0.14
C SER D 269 9.05 24.38 -1.40
N SER D 270 9.97 25.18 -1.99
CA SER D 270 10.53 24.82 -3.28
C SER D 270 11.55 23.68 -3.16
N LYS D 271 12.04 23.42 -1.95
CA LYS D 271 12.83 22.23 -1.61
C LYS D 271 12.08 20.91 -1.85
N ALA D 272 10.73 20.94 -1.85
CA ALA D 272 9.89 19.77 -2.12
C ALA D 272 9.28 19.83 -3.52
N LYS D 273 9.94 20.55 -4.41
CA LYS D 273 9.40 20.77 -5.75
C LYS D 273 9.37 19.50 -6.60
N TYR D 274 10.04 18.41 -6.17
CA TYR D 274 9.95 17.17 -6.95
C TYR D 274 8.94 16.15 -6.36
N ILE D 275 8.29 16.47 -5.23
CA ILE D 275 7.36 15.59 -4.51
C ILE D 275 5.93 15.89 -4.93
N THR D 276 5.30 14.88 -5.57
CA THR D 276 3.93 15.00 -5.99
C THR D 276 3.26 13.61 -5.99
N GLY D 277 1.95 13.56 -5.77
CA GLY D 277 1.22 12.29 -5.72
C GLY D 277 1.39 11.57 -4.38
N THR D 278 1.96 12.24 -3.39
CA THR D 278 2.55 11.54 -2.26
C THR D 278 1.72 11.86 -1.02
N CSX D 279 1.66 10.93 -0.08
CA CSX D 279 1.08 11.29 1.22
CB CSX D 279 -0.22 10.55 1.54
SG CSX D 279 -1.21 10.36 0.03
C CSX D 279 2.11 11.00 2.31
O CSX D 279 2.64 9.90 2.29
OD CSX D 279 -2.46 11.15 0.20
N VAL D 280 2.39 11.97 3.18
CA VAL D 280 3.39 11.79 4.23
C VAL D 280 2.62 11.62 5.54
N LYS D 281 2.75 10.43 6.18
CA LYS D 281 2.15 10.22 7.48
C LYS D 281 2.97 10.98 8.53
N VAL D 282 2.25 11.61 9.44
CA VAL D 282 2.88 12.26 10.59
C VAL D 282 2.19 11.72 11.84
N ASP D 283 2.59 10.54 12.31
CA ASP D 283 1.76 9.83 13.26
C ASP D 283 2.55 9.20 14.41
N GLY D 284 3.85 9.51 14.54
CA GLY D 284 4.68 8.99 15.62
C GLY D 284 4.81 7.46 15.61
N GLY D 285 4.47 6.88 14.47
CA GLY D 285 4.52 5.43 14.28
C GLY D 285 3.20 4.73 14.57
N TYR D 286 2.15 5.47 14.96
CA TYR D 286 0.88 4.85 15.35
C TYR D 286 0.32 3.85 14.31
N SER D 287 0.55 4.07 13.00
CA SER D 287 0.01 3.22 11.96
C SER D 287 0.77 1.88 11.91
N LEU D 288 1.90 1.79 12.61
CA LEU D 288 2.64 0.55 12.69
C LEU D 288 2.09 -0.37 13.79
N THR D 289 1.13 0.10 14.63
CA THR D 289 0.66 -0.71 15.75
C THR D 289 -0.40 -1.71 15.22
N ARG D 290 -0.67 -2.78 15.99
CA ARG D 290 -1.83 -3.66 15.78
C ARG D 290 -2.54 -3.85 17.12
N ALA D 291 -3.80 -4.34 17.14
CA ALA D 291 -4.43 -4.63 18.42
C ALA D 291 -3.66 -5.76 19.10
PA NDP E . 6.26 -22.99 10.30
O1A NDP E . 7.05 -22.10 11.19
O2A NDP E . 5.41 -24.01 10.97
O5B NDP E . 7.30 -23.64 9.29
C5B NDP E . 6.94 -24.38 8.11
C4B NDP E . 8.18 -25.18 7.77
O4B NDP E . 9.30 -24.32 7.39
C3B NDP E . 8.81 -25.91 8.97
O3B NDP E . 8.00 -27.01 9.41
C2B NDP E . 10.23 -26.20 8.46
O2B NDP E . 10.40 -27.54 7.98
C1B NDP E . 10.39 -25.20 7.31
N9A NDP E . 11.65 -24.47 7.38
C8A NDP E . 11.97 -23.53 8.33
N7A NDP E . 13.17 -23.08 8.19
C5A NDP E . 13.72 -23.81 7.15
C6A NDP E . 14.97 -23.79 6.53
N6A NDP E . 16.00 -23.05 6.97
N1A NDP E . 15.18 -24.66 5.52
C2A NDP E . 14.18 -25.47 5.15
N3A NDP E . 12.93 -25.51 5.60
C4A NDP E . 12.78 -24.67 6.63
O3 NDP E . 5.27 -22.17 9.34
PN NDP E . 3.68 -22.04 9.44
O1N NDP E . 3.41 -21.48 10.81
O2N NDP E . 2.98 -23.33 9.04
O5D NDP E . 3.46 -20.92 8.33
C5D NDP E . 3.65 -21.29 6.97
C4D NDP E . 3.90 -20.03 6.18
O4D NDP E . 2.89 -19.03 6.52
C3D NDP E . 5.29 -19.41 6.44
O3D NDP E . 5.95 -18.96 5.27
C2D NDP E . 4.90 -18.31 7.43
O2D NDP E . 5.88 -17.34 7.59
C1D NDP E . 3.54 -17.84 6.91
N1N NDP E . 2.77 -17.25 8.01
C2N NDP E . 2.27 -17.99 9.09
C3N NDP E . 1.56 -17.36 10.11
C7N NDP E . 1.00 -18.12 11.23
O7N NDP E . 0.34 -17.50 12.10
N7N NDP E . 1.27 -19.42 11.31
C4N NDP E . 1.39 -15.85 10.08
C5N NDP E . 2.17 -15.20 9.02
C6N NDP E . 2.59 -15.87 7.99
P2B NDP E . 10.95 -28.72 9.01
O1X NDP E . 10.86 -29.86 7.99
O2X NDP E . 12.39 -28.50 9.53
O3X NDP E . 9.98 -28.82 10.16
C2 KMK F . 6.52 -18.71 10.66
C7 KMK F . 3.91 -19.04 14.66
C4 KMK F . 5.15 -16.89 11.31
C6 KMK F . 3.42 -17.73 14.41
CBG KMK F . 9.37 -21.13 22.04
OBE KMK F . 8.52 -19.98 21.84
CBD KMK F . 8.31 -19.19 22.97
OBF KMK F . 9.12 -19.10 23.90
CAZ KMK F . 6.95 -18.41 23.07
CBA KMK F . 7.15 -16.87 23.51
CAV KMK F . 7.47 -15.91 22.31
CAY KMK F . 6.04 -18.54 21.79
CAX KMK F . 5.42 -17.16 21.41
NAW KMK F . 6.47 -16.08 21.20
CBB KMK F . 6.53 -15.32 20.06
OBC KMK F . 7.36 -14.41 19.89
CAU KMK F . 5.62 -15.50 19.03
CAT KMK F . 5.39 -16.75 18.47
CAO KMK F . 4.46 -16.91 17.43
CAQ KMK F . 4.96 -14.39 18.52
CAR KMK F . 4.05 -14.53 17.46
CAS KMK F . 3.81 -15.78 16.91
N10 KMK F . 2.92 -15.88 15.92
CAP KMK F . 2.17 -14.70 15.47
CBH KMK F . 2.29 -14.46 13.99
CBI KMK F . 3.44 -13.48 13.73
OBJ KMK F . 3.61 -13.38 12.31
C9 KMK F . 2.50 -17.18 15.31
N5 KMK F . 3.83 -17.04 13.34
C4A KMK F . 4.72 -17.59 12.45
N4 KMK F . 4.66 -15.63 11.16
N3 KMK F . 6.06 -17.43 10.46
N2 KMK F . 7.34 -19.29 9.80
N1 KMK F . 6.10 -19.41 11.74
C8A KMK F . 5.21 -18.88 12.64
N8 KMK F . 4.81 -19.60 13.73
PA NDP G . 24.69 4.94 -6.93
O1A NDP G . 24.34 3.91 -7.93
O2A NDP G . 25.37 6.14 -7.50
O5B NDP G . 25.53 4.34 -5.73
C5B NDP G . 25.72 4.94 -4.46
C4B NDP G . 26.99 4.42 -3.85
O4B NDP G . 26.79 3.14 -3.24
C3B NDP G . 28.14 4.13 -4.82
O3B NDP G . 28.79 5.31 -5.27
C2B NDP G . 29.01 3.17 -4.02
O2B NDP G . 30.11 3.73 -3.29
C1B NDP G . 28.06 2.58 -2.98
N9A NDP G . 28.04 1.13 -3.01
C8A NDP G . 27.55 0.33 -4.04
N7A NDP G . 27.72 -0.95 -3.79
C5A NDP G . 28.41 -1.01 -2.59
C6A NDP G . 28.88 -2.10 -1.81
N6A NDP G . 28.80 -3.39 -2.19
N1A NDP G . 29.53 -1.79 -0.66
C2A NDP G . 29.62 -0.50 -0.28
N3A NDP G . 29.23 0.59 -0.93
C4A NDP G . 28.61 0.27 -2.10
O3 NDP G . 23.30 5.45 -6.26
PN NDP G . 22.46 6.82 -6.47
O1N NDP G . 21.99 6.86 -7.88
O2N NDP G . 23.31 7.87 -5.90
O5D NDP G . 21.15 6.56 -5.52
C5D NDP G . 21.32 6.64 -4.09
C4D NDP G . 20.30 5.82 -3.33
O4D NDP G . 18.96 6.09 -3.79
C3D NDP G . 20.49 4.29 -3.43
O3D NDP G . 20.12 3.66 -2.22
C2D NDP G . 19.54 3.96 -4.56
O2D NDP G . 19.14 2.63 -4.47
C1D NDP G . 18.39 4.90 -4.24
N1N NDP G . 17.65 5.21 -5.49
C2N NDP G . 18.20 5.93 -6.51
C3N NDP G . 17.58 5.99 -7.75
C7N NDP G . 18.17 6.84 -8.87
O7N NDP G . 17.49 7.03 -9.89
N7N NDP G . 19.36 7.40 -8.71
C4N NDP G . 16.31 5.24 -7.98
C5N NDP G . 15.72 4.66 -6.78
C6N NDP G . 16.40 4.59 -5.65
P2B NDP G . 31.58 3.70 -4.03
O1X NDP G . 32.38 4.35 -2.96
O2X NDP G . 32.01 2.26 -4.34
O3X NDP G . 31.40 4.51 -5.36
C2 KMK H . 21.12 2.41 -7.10
C7 KMK H . 20.87 4.32 -11.40
C4 KMK H . 18.99 2.71 -8.05
C6 KMK H . 19.45 4.23 -11.39
CBG KMK H . 18.02 0.97 -24.91
OBE KMK H . 17.59 0.79 -23.55
CBD KMK H . 18.58 0.89 -22.57
OBF KMK H . 19.47 1.74 -22.63
CAZ KMK H . 18.51 -0.17 -21.38
CBA KMK H . 19.96 -0.37 -20.76
CAV KMK H . 19.95 -0.97 -19.38
CAY KMK H . 17.32 0.12 -20.32
CAX KMK H . 17.63 -0.11 -18.78
NAW KMK H . 19.10 -0.13 -18.45
CBB KMK H . 19.74 0.53 -17.43
OBC KMK H . 20.97 0.40 -17.32
CAU KMK H . 19.11 1.34 -16.42
CAT KMK H . 19.95 2.07 -15.57
CAO KMK H . 19.49 2.90 -14.55
CAQ KMK H . 17.73 1.47 -16.17
CAR KMK H . 17.28 2.32 -15.13
CAS KMK H . 18.12 3.03 -14.27
N10 KMK H . 17.75 3.85 -13.22
CAP KMK H . 16.37 4.10 -12.69
CBH KMK H . 15.32 2.99 -12.92
CBI KMK H . 14.77 2.41 -11.60
OBJ KMK H . 13.27 2.28 -11.69
C9 KMK H . 18.74 4.74 -12.55
N5 KMK H . 18.86 3.71 -10.29
C4A KMK H . 19.59 3.27 -9.22
N4 KMK H . 17.67 2.57 -7.94
N3 KMK H . 19.74 2.33 -7.03
N2 KMK H . 21.79 1.94 -6.04
N1 KMK H . 21.77 2.93 -8.19
C8A KMK H . 21.02 3.36 -9.23
N8 KMK H . 21.63 3.89 -10.32
PA NDP I . -20.39 -1.39 -16.46
O1A NDP I . -19.74 -0.07 -16.61
O2A NDP I . -20.69 -2.16 -17.67
O5B NDP I . -21.73 -1.14 -15.58
C5B NDP I . -22.36 -2.04 -14.66
C4B NDP I . -23.79 -1.59 -14.45
O4B NDP I . -23.86 -0.50 -13.48
C3B NDP I . -24.47 -0.96 -15.68
O3B NDP I . -24.92 -1.97 -16.56
C2B NDP I . -25.60 -0.16 -15.05
O2B NDP I . -26.80 -0.93 -14.95
C1B NDP I . -25.16 0.06 -13.60
N9A NDP I . -25.19 1.46 -13.23
C8A NDP I . -24.40 2.48 -13.72
N7A NDP I . -24.73 3.66 -13.22
C5A NDP I . -25.80 3.41 -12.36
C6A NDP I . -26.59 4.24 -11.52
N6A NDP I . -26.41 5.56 -11.41
N1A NDP I . -27.59 3.67 -10.80
C2A NDP I . -27.76 2.35 -10.91
N3A NDP I . -27.08 1.47 -11.64
C4A NDP I . -26.10 2.06 -12.36
O3 NDP I . -19.43 -2.28 -15.48
PN NDP I . -18.33 -3.45 -15.77
O1N NDP I . -17.30 -3.15 -16.80
O2N NDP I . -19.10 -4.71 -16.07
O5D NDP I . -17.50 -3.59 -14.38
C5D NDP I . -18.13 -4.06 -13.17
C4D NDP I . -17.44 -3.38 -12.02
O4D NDP I . -16.01 -3.65 -12.11
C3D NDP I . -17.63 -1.86 -11.91
O3D NDP I . -17.87 -1.62 -10.52
C2D NDP I . -16.26 -1.26 -12.33
O2D NDP I . -15.89 -0.07 -11.64
C1D NDP I . -15.30 -2.41 -12.01
N1N NDP I . -14.12 -2.43 -12.94
C2N NDP I . -14.23 -2.78 -14.27
C3N NDP I . -13.18 -2.63 -15.15
C7N NDP I . -13.27 -3.08 -16.55
O7N NDP I . -12.22 -3.23 -17.22
N7N NDP I . -14.48 -3.30 -17.09
C4N NDP I . -11.91 -2.01 -14.64
C5N NDP I . -11.81 -2.01 -13.19
C6N NDP I . -12.91 -2.02 -12.46
P2B NDP I . -27.80 -0.71 -16.19
O1X NDP I . -29.05 -1.53 -15.86
O2X NDP I . -28.10 0.79 -16.20
O3X NDP I . -27.12 -1.18 -17.45
C2 KMK J . -17.13 0.84 -14.86
C7 KMK J . -15.23 -0.21 -19.10
C4 KMK J . -14.74 0.81 -15.16
C6 KMK J . -13.95 -0.06 -18.56
CBG KMK J . -12.86 0.89 -25.78
OBE KMK J . -13.61 2.08 -26.12
CBD KMK J . -13.06 2.79 -27.17
OBF KMK J . -12.84 2.27 -28.27
CAZ KMK J . -12.63 4.30 -26.91
CBA KMK J . -13.77 5.22 -26.32
CAV KMK J . -13.28 6.02 -25.07
CAY KMK J . -11.28 4.42 -26.11
CAX KMK J . -11.46 4.32 -24.58
NAW KMK J . -12.68 5.06 -24.08
CBB KMK J . -13.18 4.89 -22.80
OBC KMK J . -14.22 5.44 -22.41
CAU KMK J . -12.69 3.92 -21.94
CAT KMK J . -13.56 2.86 -21.84
CAO KMK J . -13.19 1.83 -20.99
CAQ KMK J . -11.47 3.95 -21.22
CAR KMK J . -11.07 2.89 -20.36
CAS KMK J . -11.98 1.83 -20.25
N10 KMK J . -11.79 0.73 -19.50
CAP KMK J . -10.49 0.31 -19.03
CBH KMK J . -10.46 0.23 -17.49
CBI KMK J . -10.23 1.58 -16.80
OBJ KMK J . -10.73 1.44 -15.41
C9 KMK J . -12.90 -0.30 -19.44
N5 KMK J . -13.77 0.27 -17.25
C4A KMK J . -14.88 0.47 -16.47
N4 KMK J . -13.49 0.94 -14.73
N3 KMK J . -15.85 1.02 -14.38
N2 KMK J . -18.18 1.05 -14.02
N1 KMK J . -17.29 0.51 -16.20
C8A KMK J . -16.20 0.32 -16.97
N8 KMK J . -16.35 0.00 -18.28
PA NDP K . -11.05 20.03 13.14
O1A NDP K . -11.87 18.88 13.56
O2A NDP K . -10.62 20.99 14.17
O5B NDP K . -11.75 20.74 11.89
C5B NDP K . -11.10 21.79 11.14
C4B NDP K . -12.13 22.78 10.64
O4B NDP K . -12.94 22.16 9.63
C3B NDP K . -13.21 23.19 11.65
O3B NDP K . -12.74 24.11 12.63
C2B NDP K . -14.32 23.70 10.75
O2B NDP K . -14.44 25.10 10.52
C1B NDP K . -13.99 23.06 9.41
N9A NDP K . -15.16 22.40 8.87
C8A NDP K . -15.75 21.28 9.41
N7A NDP K . -16.82 20.91 8.74
C5A NDP K . -16.97 21.88 7.77
C6A NDP K . -17.95 22.05 6.78
N6A NDP K . -19.02 21.24 6.65
N1A NDP K . -17.83 23.15 5.99
C2A NDP K . -16.78 23.96 6.17
N3A NDP K . -15.79 23.89 7.06
C4A NDP K . -15.96 22.82 7.85
O3 NDP K . -9.69 19.46 12.44
PN NDP K . -8.23 19.16 13.00
O1N NDP K . -8.31 18.34 14.25
O2N NDP K . -7.52 20.49 13.13
O5D NDP K . -7.60 18.32 11.79
C5D NDP K . -7.23 19.02 10.57
C4D NDP K . -7.17 18.02 9.46
O4D NDP K . -6.34 16.91 9.90
C3D NDP K . -8.54 17.43 9.13
O3D NDP K . -8.78 17.28 7.74
C2D NDP K . -8.51 16.08 9.85
O2D NDP K . -9.32 15.06 9.27
C1D NDP K . -7.03 15.70 9.77
N1N NDP K . -6.68 14.81 10.90
C2N NDP K . -6.81 15.23 12.20
C3N NDP K . -6.45 14.41 13.24
C7N NDP K . -6.28 14.98 14.57
O7N NDP K . -5.81 14.25 15.42
N7N NDP K . -6.57 16.25 14.81
C4N NDP K . -6.19 12.98 12.97
C5N NDP K . -6.47 12.62 11.57
C6N NDP K . -6.34 13.52 10.64
P2B NDP K . -15.23 26.05 11.60
O1X NDP K . -14.94 27.48 11.20
O2X NDP K . -16.68 25.73 11.48
O3X NDP K . -14.59 25.71 12.92
C2 KMK L . -11.34 15.87 12.05
C7 KMK L . -10.01 15.23 16.56
C4 KMK L . -10.19 13.91 12.62
C6 KMK L . -9.46 13.98 16.20
CBG KMK L . -14.69 10.39 27.19
OBE KMK L . -15.46 10.03 26.01
CBD KMK L . -15.59 11.08 25.11
OBF KMK L . -15.84 12.23 25.44
CAZ KMK L . -15.38 10.70 23.62
CBA KMK L . -16.47 11.29 22.61
CAV KMK L . -16.25 10.66 21.22
CAY KMK L . -13.96 11.06 23.12
CAX KMK L . -13.76 10.23 21.85
NAW KMK L . -14.77 10.65 20.83
CBB KMK L . -14.41 11.03 19.54
OBC KMK L . -15.27 11.43 18.73
CAU KMK L . -13.09 11.09 19.07
CAT KMK L . -12.55 12.36 19.03
CAO KMK L . -11.27 12.52 18.52
CAQ KMK L . -12.34 10.01 18.56
CAR KMK L . -11.04 10.17 18.04
CAS KMK L . -10.48 11.48 18.01
N10 KMK L . -9.24 11.81 17.50
CAP KMK L . -8.22 10.82 17.13
CBH KMK L . -8.07 10.88 15.58
CBI KMK L . -9.17 10.04 14.91
OBJ KMK L . -8.92 9.93 13.48
C9 KMK L . -8.81 13.22 17.23
N5 KMK L . -9.51 13.56 14.90
C4A KMK L . -10.11 14.31 13.95
N4 KMK L . -9.64 12.74 12.28
N3 KMK L . -10.80 14.68 11.67
N2 KMK L . -11.95 16.66 11.16
N1 KMK L . -11.30 16.28 13.34
C8A KMK L . -10.69 15.54 14.29
N8 KMK L . -10.65 16.00 15.56
#